data_5GMQ
#
_entry.id   5GMQ
#
_cell.length_a   153.460
_cell.length_b   153.460
_cell.length_c   97.494
_cell.angle_alpha   90.00
_cell.angle_beta   90.00
_cell.angle_gamma   120.00
#
_symmetry.space_group_name_H-M   'P 31 2 1'
#
loop_
_entity.id
_entity.type
_entity.pdbx_description
1 polymer 'S protein'
2 polymer 'MCA1 heavy chain'
3 polymer 'MCA1 light chain'
4 branched alpha-D-mannopyranose-(1-3)-alpha-D-mannopyranose-(1-4)-2-acetamido-2-deoxy-beta-D-glucopyranose
5 non-polymer 1,2-ETHANEDIOL
6 water water
#
loop_
_entity_poly.entity_id
_entity_poly.type
_entity_poly.pdbx_seq_one_letter_code
_entity_poly.pdbx_strand_id
1 'polypeptide(L)'
;MEAKPSGSVVEQAEGVECDFSPLLSGTPPQVYNFKRLVFTNCNYNLTKLLSLFSVNDFTCSQISPAAIASNCYSSLILDY
FSYPLSMKSDLSVSSAGPISQFNYKQSFSNPTCLILATVPHNLTTITKPLKYSYINKCSRLLSDDRTEVPQLVNANQYSP
CVSIVPSTVWEDGDYYRKQLSPLEGGGWLVASGSTVAMTEQLQMGFGITVQYGTDTNSVCPKLHHHHHH
;
A
2 'polypeptide(L)'
;ATRLEESGAEVKKPGSSVKVSCKASGGTFSSYAISWVRQAPGQGLEWMGRIIPILGIANYAQKFQGRVTITADKSTSTAY
MELSSLRSEDTAVYYCASKQGDYYDRTSYAFDIWGQGTMVTVSSASTKGPSVFPLAPSSKSTSGGTAALGCLVKDYFPEP
VTVSWNSGALTSGVHTFPAVLQSSGLYSLSSVVTVPSSSLGTQTYICNVNHKPSNTKVDKKVEPKSCDKTS
;
B
3 'polypeptide(L)'
;DVELTQSPGTLSLSPGERATLSCRASQSVSSSYLAWYQQKPGQAPRLLIYGASSRATGIPDRFSGSGSGTDFTLTISRLE
PEDFAVYYCQQYGSSPITFGQGTRLEIKRTVAAPSVFIFPPSDEQLKSGTASVVCLLNNFYPREAKVQWKVDNALQSGNS
QESVTEQDSKDSTYSLSSTLTLSKADYEKHKVYACEVTHQGLSSPVTKSFNRGEC
;
C
#
loop_
_chem_comp.id
_chem_comp.type
_chem_comp.name
_chem_comp.formula
EDO non-polymer 1,2-ETHANEDIOL 'C2 H6 O2'
MAN D-saccharide, alpha linking alpha-D-mannopyranose 'C6 H12 O6'
NAG D-saccharide, beta linking 2-acetamido-2-deoxy-beta-D-glucopyranose 'C8 H15 N O6'
#
# COMPACT_ATOMS: atom_id res chain seq x y z
N VAL A 16 -54.92 5.26 -16.26
CA VAL A 16 -55.43 5.38 -17.62
C VAL A 16 -54.54 6.32 -18.42
N GLU A 17 -53.52 6.90 -17.79
CA GLU A 17 -52.51 7.62 -18.54
C GLU A 17 -51.13 7.11 -18.16
N CYS A 18 -50.34 6.77 -19.16
CA CYS A 18 -48.99 6.25 -18.95
C CYS A 18 -48.13 7.29 -18.26
N ASP A 19 -47.54 6.89 -17.14
CA ASP A 19 -46.79 7.79 -16.27
C ASP A 19 -45.32 7.80 -16.68
N PHE A 20 -44.89 8.88 -17.31
CA PHE A 20 -43.50 9.09 -17.65
C PHE A 20 -42.75 9.85 -16.56
N SER A 21 -43.46 10.29 -15.52
CA SER A 21 -42.88 11.09 -14.43
C SER A 21 -41.60 10.52 -13.83
N PRO A 22 -41.52 9.23 -13.46
CA PRO A 22 -40.30 8.73 -12.79
C PRO A 22 -39.00 9.17 -13.43
N LEU A 23 -38.98 9.28 -14.76
CA LEU A 23 -37.80 9.70 -15.49
C LEU A 23 -37.27 11.05 -15.01
N LEU A 24 -38.15 11.90 -14.49
CA LEU A 24 -37.78 13.27 -14.19
C LEU A 24 -37.26 13.45 -12.79
N SER A 25 -37.01 12.38 -12.06
CA SER A 25 -36.66 12.48 -10.66
C SER A 25 -35.42 11.66 -10.39
N GLY A 26 -34.30 12.32 -10.16
CA GLY A 26 -33.14 11.64 -9.65
C GLY A 26 -31.95 11.73 -10.55
N THR A 27 -30.98 10.86 -10.31
CA THR A 27 -29.88 10.69 -11.23
C THR A 27 -30.21 9.56 -12.19
N PRO A 28 -30.28 9.81 -13.48
CA PRO A 28 -30.45 8.73 -14.41
C PRO A 28 -29.28 7.78 -14.34
N PRO A 29 -29.52 6.49 -14.42
CA PRO A 29 -28.42 5.53 -14.30
C PRO A 29 -27.48 5.58 -15.50
N GLN A 30 -26.30 5.00 -15.33
CA GLN A 30 -25.42 4.85 -16.46
C GLN A 30 -26.00 3.82 -17.41
N VAL A 31 -25.45 3.77 -18.61
CA VAL A 31 -26.11 3.06 -19.69
C VAL A 31 -26.27 1.58 -19.36
N TYR A 32 -25.28 0.97 -18.72
CA TYR A 32 -25.37 -0.47 -18.49
C TYR A 32 -26.41 -0.83 -17.44
N ASN A 33 -26.88 0.14 -16.67
CA ASN A 33 -27.92 -0.04 -15.66
C ASN A 33 -29.19 0.70 -16.05
N PHE A 34 -29.50 0.74 -17.36
CA PHE A 34 -30.63 1.51 -17.84
C PHE A 34 -31.90 1.17 -17.08
N LYS A 35 -32.70 2.19 -16.81
CA LYS A 35 -33.99 2.04 -16.17
C LYS A 35 -35.04 1.80 -17.24
N ARG A 36 -35.96 0.89 -16.95
CA ARG A 36 -36.92 0.44 -17.94
C ARG A 36 -38.32 0.57 -17.38
N LEU A 37 -39.15 1.34 -18.07
CA LEU A 37 -40.55 1.51 -17.74
C LEU A 37 -41.37 0.75 -18.77
N VAL A 38 -42.15 -0.22 -18.32
CA VAL A 38 -43.02 -1.00 -19.18
C VAL A 38 -44.42 -0.47 -18.99
N PHE A 39 -45.11 -0.21 -20.09
CA PHE A 39 -46.47 0.32 -20.06
C PHE A 39 -47.43 -0.60 -20.79
N THR A 40 -48.58 -0.87 -20.17
CA THR A 40 -49.70 -1.46 -20.88
C THR A 40 -50.98 -0.77 -20.41
N ASN A 41 -52.04 -0.92 -21.20
CA ASN A 41 -53.34 -0.34 -20.90
C ASN A 41 -53.26 1.07 -20.34
N CYS A 42 -52.91 2.03 -21.17
CA CYS A 42 -52.78 3.42 -20.74
C CYS A 42 -52.61 4.27 -21.99
N ASN A 43 -52.82 5.57 -21.83
CA ASN A 43 -52.71 6.52 -22.93
C ASN A 43 -51.47 7.38 -22.75
N TYR A 44 -50.79 7.70 -23.84
CA TYR A 44 -49.51 8.41 -23.75
C TYR A 44 -49.51 9.67 -24.58
N ASN A 45 -48.83 10.69 -24.08
CA ASN A 45 -48.54 11.92 -24.82
C ASN A 45 -47.02 12.00 -24.84
N LEU A 46 -46.43 11.52 -25.93
CA LEU A 46 -44.98 11.44 -26.00
C LEU A 46 -44.35 12.80 -26.20
N THR A 47 -45.00 13.66 -27.00
CA THR A 47 -44.47 15.01 -27.18
C THR A 47 -44.41 15.74 -25.84
N LYS A 48 -45.41 15.53 -24.98
CA LYS A 48 -45.39 16.18 -23.68
C LYS A 48 -44.11 15.87 -22.94
N LEU A 49 -43.67 14.63 -22.97
CA LEU A 49 -42.41 14.28 -22.33
C LEU A 49 -41.22 14.90 -23.05
N LEU A 50 -41.13 14.71 -24.36
CA LEU A 50 -39.95 15.16 -25.09
C LEU A 50 -39.84 16.67 -25.12
N SER A 51 -40.98 17.38 -25.08
CA SER A 51 -40.94 18.85 -25.10
C SER A 51 -40.28 19.44 -23.87
N LEU A 52 -40.01 18.65 -22.84
CA LEU A 52 -39.34 19.13 -21.64
C LEU A 52 -37.83 19.17 -21.79
N PHE A 53 -37.28 18.52 -22.81
CA PHE A 53 -35.85 18.42 -23.03
C PHE A 53 -35.46 19.24 -24.25
N SER A 54 -34.17 19.29 -24.54
CA SER A 54 -33.67 19.74 -25.83
C SER A 54 -33.22 18.51 -26.60
N VAL A 55 -34.09 18.00 -27.46
CA VAL A 55 -33.80 16.77 -28.18
C VAL A 55 -32.72 17.04 -29.20
N ASN A 56 -31.62 16.30 -29.12
CA ASN A 56 -30.53 16.44 -30.06
C ASN A 56 -30.61 15.46 -31.23
N ASP A 57 -31.05 14.23 -30.99
CA ASP A 57 -31.30 13.27 -32.05
C ASP A 57 -32.58 12.51 -31.76
N PHE A 58 -33.13 11.93 -32.81
CA PHE A 58 -34.41 11.23 -32.70
C PHE A 58 -34.47 10.34 -33.94
N THR A 59 -34.01 9.12 -33.77
CA THR A 59 -33.77 8.19 -34.85
C THR A 59 -34.57 6.94 -34.55
N CYS A 60 -35.20 6.36 -35.56
CA CYS A 60 -36.03 5.19 -35.34
C CYS A 60 -35.64 4.07 -36.31
N SER A 61 -36.06 2.87 -35.97
CA SER A 61 -35.79 1.67 -36.78
C SER A 61 -37.09 0.92 -36.97
N GLN A 62 -37.59 0.88 -38.21
CA GLN A 62 -38.84 0.21 -38.58
C GLN A 62 -40.08 0.88 -38.04
N ILE A 63 -39.98 2.18 -37.79
CA ILE A 63 -41.10 3.03 -37.44
C ILE A 63 -40.58 4.45 -37.64
N SER A 64 -41.43 5.45 -37.57
CA SER A 64 -41.02 6.83 -37.76
C SER A 64 -41.29 7.61 -36.49
N PRO A 65 -40.56 8.71 -36.27
CA PRO A 65 -40.92 9.60 -35.15
C PRO A 65 -42.38 9.97 -35.13
N ALA A 66 -42.96 10.28 -36.30
CA ALA A 66 -44.37 10.60 -36.35
C ALA A 66 -45.23 9.39 -36.03
N ALA A 67 -44.87 8.21 -36.56
CA ALA A 67 -45.69 7.02 -36.33
C ALA A 67 -45.64 6.57 -34.89
N ILE A 68 -44.45 6.48 -34.32
CA ILE A 68 -44.33 6.03 -32.94
C ILE A 68 -45.05 6.97 -32.00
N ALA A 69 -45.23 8.22 -32.40
CA ALA A 69 -45.93 9.14 -31.52
C ALA A 69 -47.44 8.93 -31.52
N SER A 70 -47.96 8.07 -32.40
CA SER A 70 -49.38 8.08 -32.69
C SER A 70 -50.01 6.72 -32.96
N ASN A 71 -49.31 5.62 -32.80
CA ASN A 71 -49.89 4.31 -33.03
C ASN A 71 -50.37 3.70 -31.72
N CYS A 72 -51.00 2.54 -31.81
CA CYS A 72 -51.44 1.77 -30.65
C CYS A 72 -50.66 0.46 -30.60
N TYR A 73 -50.22 0.08 -29.40
CA TYR A 73 -49.36 -1.09 -29.23
C TYR A 73 -49.90 -1.96 -28.12
N SER A 74 -49.38 -3.18 -28.04
CA SER A 74 -49.69 -4.05 -26.92
C SER A 74 -48.85 -3.76 -25.69
N SER A 75 -47.67 -3.17 -25.86
CA SER A 75 -46.87 -2.61 -24.77
C SER A 75 -45.93 -1.56 -25.34
N LEU A 76 -45.59 -0.58 -24.52
CA LEU A 76 -44.54 0.38 -24.80
C LEU A 76 -43.48 0.29 -23.72
N ILE A 77 -42.22 0.40 -24.12
CA ILE A 77 -41.08 0.21 -23.22
C ILE A 77 -40.13 1.38 -23.41
N LEU A 78 -39.83 2.08 -22.32
CA LEU A 78 -39.00 3.28 -22.38
C LEU A 78 -37.79 3.08 -21.48
N ASP A 79 -36.60 3.08 -22.07
CA ASP A 79 -35.35 3.00 -21.33
C ASP A 79 -34.72 4.39 -21.25
N TYR A 80 -34.10 4.71 -20.13
CA TYR A 80 -33.44 5.99 -20.08
C TYR A 80 -32.20 5.85 -19.23
N PHE A 81 -31.24 6.71 -19.49
CA PHE A 81 -29.92 6.61 -18.88
C PHE A 81 -29.16 7.89 -19.20
N SER A 82 -28.07 8.07 -18.48
CA SER A 82 -27.11 9.12 -18.80
C SER A 82 -26.24 8.65 -19.94
N TYR A 83 -26.12 9.48 -20.99
CA TYR A 83 -25.35 9.14 -22.14
C TYR A 83 -24.79 10.39 -22.81
N PRO A 84 -23.48 10.46 -23.02
CA PRO A 84 -22.90 11.67 -23.61
C PRO A 84 -23.12 11.73 -25.12
N LEU A 85 -23.63 12.87 -25.59
CA LEU A 85 -23.87 13.08 -27.02
C LEU A 85 -22.67 12.74 -27.87
N SER A 86 -21.46 12.97 -27.35
CA SER A 86 -20.28 12.71 -28.15
C SER A 86 -20.19 11.28 -28.61
N MET A 87 -20.90 10.37 -27.96
CA MET A 87 -20.81 8.95 -28.25
C MET A 87 -22.01 8.44 -29.02
N LYS A 88 -22.87 9.34 -29.48
CA LYS A 88 -24.02 9.02 -30.32
C LYS A 88 -23.73 7.91 -31.32
N SER A 89 -22.55 7.94 -31.94
CA SER A 89 -22.22 6.92 -32.93
C SER A 89 -22.15 5.53 -32.31
N ASP A 90 -21.66 5.43 -31.08
CA ASP A 90 -21.49 4.12 -30.45
C ASP A 90 -22.81 3.41 -30.21
N LEU A 91 -23.91 4.15 -30.22
CA LEU A 91 -25.25 3.70 -29.86
C LEU A 91 -26.02 3.22 -31.07
N SER A 92 -25.31 2.61 -32.01
CA SER A 92 -25.88 2.09 -33.24
C SER A 92 -25.61 0.60 -33.32
N VAL A 93 -26.61 -0.15 -33.79
CA VAL A 93 -26.51 -1.60 -33.87
C VAL A 93 -25.28 -2.01 -34.65
N SER A 94 -24.87 -1.18 -35.61
CA SER A 94 -23.71 -1.46 -36.46
C SER A 94 -22.44 -0.81 -35.92
N SER A 95 -22.12 -1.05 -34.66
CA SER A 95 -20.88 -0.52 -34.06
C SER A 95 -20.18 -1.64 -33.31
N ALA A 96 -18.96 -1.95 -33.74
CA ALA A 96 -18.13 -2.96 -33.08
C ALA A 96 -17.69 -2.50 -31.70
N GLY A 97 -18.31 -1.43 -31.19
CA GLY A 97 -17.86 -0.78 -29.98
C GLY A 97 -18.41 -1.41 -28.73
N PRO A 98 -17.84 -1.02 -27.58
CA PRO A 98 -18.29 -1.60 -26.31
C PRO A 98 -19.68 -1.22 -25.90
N ILE A 99 -20.28 -0.17 -26.45
CA ILE A 99 -21.58 0.24 -25.96
C ILE A 99 -22.63 -0.79 -26.34
N SER A 100 -22.52 -1.35 -27.52
CA SER A 100 -23.47 -2.36 -27.97
C SER A 100 -22.98 -3.78 -27.71
N GLN A 101 -21.69 -3.98 -27.48
CA GLN A 101 -21.17 -5.29 -27.16
C GLN A 101 -21.50 -5.68 -25.73
N PHE A 102 -21.28 -4.78 -24.76
CA PHE A 102 -21.41 -5.13 -23.36
C PHE A 102 -22.45 -4.33 -22.61
N ASN A 103 -22.78 -3.15 -23.07
CA ASN A 103 -23.86 -2.35 -22.51
C ASN A 103 -25.05 -2.46 -23.45
N TYR A 104 -26.23 -2.02 -23.01
CA TYR A 104 -27.37 -1.74 -23.90
C TYR A 104 -27.33 -2.13 -25.38
N LYS A 105 -28.22 -3.04 -25.81
CA LYS A 105 -28.44 -3.34 -27.22
C LYS A 105 -29.95 -3.46 -27.46
N GLN A 106 -30.46 -2.77 -28.46
CA GLN A 106 -31.91 -2.72 -28.65
C GLN A 106 -32.43 -3.89 -29.47
N SER A 107 -33.72 -4.18 -29.29
CA SER A 107 -34.39 -5.22 -30.07
C SER A 107 -34.23 -4.99 -31.56
N PHE A 108 -33.99 -6.06 -32.31
CA PHE A 108 -34.05 -6.03 -33.76
C PHE A 108 -35.26 -6.78 -34.30
N SER A 109 -36.16 -7.22 -33.41
CA SER A 109 -37.40 -7.86 -33.78
C SER A 109 -38.63 -7.05 -33.35
N ASN A 110 -38.43 -5.79 -32.99
CA ASN A 110 -39.52 -4.89 -32.66
C ASN A 110 -39.13 -3.49 -33.10
N PRO A 111 -40.08 -2.65 -33.46
CA PRO A 111 -39.73 -1.27 -33.80
C PRO A 111 -39.21 -0.52 -32.58
N THR A 112 -38.18 0.30 -32.80
CA THR A 112 -37.50 1.01 -31.74
C THR A 112 -37.16 2.41 -32.21
N CYS A 113 -37.06 3.33 -31.25
CA CYS A 113 -36.48 4.65 -31.51
C CYS A 113 -35.43 4.92 -30.46
N LEU A 114 -34.56 5.87 -30.79
CA LEU A 114 -33.42 6.19 -29.95
C LEU A 114 -33.33 7.70 -29.93
N ILE A 115 -33.50 8.28 -28.75
CA ILE A 115 -33.54 9.72 -28.59
C ILE A 115 -32.40 10.12 -27.66
N LEU A 116 -31.58 11.05 -28.12
CA LEU A 116 -30.55 11.67 -27.30
C LEU A 116 -30.99 13.09 -27.01
N ALA A 117 -30.99 13.46 -25.73
CA ALA A 117 -31.53 14.73 -25.31
C ALA A 117 -30.63 15.35 -24.27
N THR A 118 -30.73 16.66 -24.15
CA THR A 118 -29.95 17.47 -23.23
C THR A 118 -30.93 18.07 -22.23
N VAL A 119 -30.55 18.05 -20.96
CA VAL A 119 -31.44 18.49 -19.88
C VAL A 119 -31.29 20.01 -19.73
N PRO A 120 -32.33 20.79 -19.99
CA PRO A 120 -32.23 22.23 -19.79
C PRO A 120 -32.21 22.61 -18.32
N HIS A 121 -31.99 23.90 -18.07
CA HIS A 121 -31.71 24.36 -16.72
C HIS A 121 -32.95 24.42 -15.83
N ASN A 122 -34.14 24.67 -16.38
CA ASN A 122 -35.38 24.58 -15.60
C ASN A 122 -35.77 23.16 -15.28
N LEU A 123 -35.09 22.17 -15.84
CA LEU A 123 -35.34 20.79 -15.48
C LEU A 123 -34.35 20.48 -14.37
N THR A 124 -34.76 20.76 -13.13
CA THR A 124 -33.85 20.73 -12.00
C THR A 124 -33.96 19.45 -11.20
N THR A 125 -35.02 18.68 -11.39
CA THR A 125 -35.18 17.43 -10.66
C THR A 125 -34.35 16.28 -11.23
N ILE A 126 -33.74 16.44 -12.40
CA ILE A 126 -32.78 15.47 -12.90
C ILE A 126 -31.42 15.94 -12.45
N THR A 127 -30.62 15.03 -11.91
CA THR A 127 -29.36 15.39 -11.31
C THR A 127 -28.21 14.70 -12.02
N LYS A 128 -27.07 15.19 -11.82
CA LYS A 128 -25.94 14.66 -12.56
C LYS A 128 -25.15 13.67 -11.72
N PRO A 129 -24.69 12.59 -12.31
CA PRO A 129 -23.65 11.80 -11.70
C PRO A 129 -22.33 12.54 -11.86
N LEU A 130 -21.29 12.00 -11.25
CA LEU A 130 -19.98 12.65 -11.32
C LEU A 130 -19.40 12.57 -12.73
N LYS A 131 -19.74 11.53 -13.47
CA LYS A 131 -19.25 11.36 -14.83
C LYS A 131 -20.17 10.40 -15.57
N TYR A 132 -19.95 10.27 -16.86
CA TYR A 132 -20.54 9.19 -17.63
C TYR A 132 -19.60 8.00 -17.57
N SER A 133 -20.18 6.79 -17.65
CA SER A 133 -19.35 5.61 -17.63
C SER A 133 -20.08 4.41 -18.24
N TYR A 134 -19.30 3.45 -18.69
CA TYR A 134 -19.80 2.29 -19.37
C TYR A 134 -18.79 1.17 -19.19
N ILE A 135 -19.14 -0.01 -19.69
CA ILE A 135 -18.33 -1.21 -19.53
C ILE A 135 -17.51 -1.41 -20.80
N ASN A 136 -16.21 -1.57 -20.65
CA ASN A 136 -15.34 -1.79 -21.79
C ASN A 136 -14.86 -3.22 -21.88
N LYS A 137 -15.21 -4.04 -20.91
CA LYS A 137 -14.92 -5.47 -20.94
C LYS A 137 -15.84 -6.15 -19.95
N CYS A 138 -16.45 -7.25 -20.38
CA CYS A 138 -17.22 -8.13 -19.50
C CYS A 138 -16.96 -9.55 -20.02
N SER A 139 -15.97 -10.20 -19.44
CA SER A 139 -15.59 -11.50 -19.93
C SER A 139 -15.63 -12.49 -18.79
N ARG A 140 -15.78 -13.75 -19.16
CA ARG A 140 -15.65 -14.85 -18.23
C ARG A 140 -14.25 -15.44 -18.34
N LEU A 141 -13.59 -15.62 -17.20
CA LEU A 141 -12.30 -16.29 -17.13
C LEU A 141 -12.56 -17.73 -16.71
N LEU A 142 -12.19 -18.67 -17.57
CA LEU A 142 -12.52 -20.07 -17.31
C LEU A 142 -11.72 -20.61 -16.14
N SER A 143 -12.22 -21.70 -15.56
CA SER A 143 -11.57 -22.26 -14.38
C SER A 143 -10.14 -22.71 -14.65
N ASP A 144 -9.72 -22.81 -15.90
CA ASP A 144 -8.31 -23.05 -16.19
C ASP A 144 -7.47 -21.78 -16.12
N ASP A 145 -8.09 -20.62 -15.91
CA ASP A 145 -7.38 -19.39 -15.60
C ASP A 145 -6.51 -18.90 -16.76
N ARG A 146 -6.91 -19.19 -17.99
CA ARG A 146 -6.14 -18.69 -19.13
C ARG A 146 -6.99 -18.19 -20.30
N THR A 147 -8.14 -18.79 -20.57
CA THR A 147 -8.94 -18.40 -21.71
C THR A 147 -10.05 -17.45 -21.28
N GLU A 148 -10.30 -16.46 -22.13
CA GLU A 148 -11.27 -15.40 -21.90
C GLU A 148 -12.45 -15.56 -22.85
N VAL A 149 -13.65 -15.40 -22.32
CA VAL A 149 -14.89 -15.62 -23.08
C VAL A 149 -15.79 -14.40 -22.90
N PRO A 150 -15.72 -13.42 -23.81
CA PRO A 150 -16.54 -12.22 -23.66
C PRO A 150 -18.02 -12.52 -23.54
N GLN A 151 -18.67 -11.88 -22.58
CA GLN A 151 -20.11 -11.99 -22.38
C GLN A 151 -20.73 -10.82 -23.11
N LEU A 152 -21.08 -11.03 -24.36
CA LEU A 152 -21.83 -10.04 -25.09
C LEU A 152 -23.22 -9.88 -24.50
N VAL A 153 -23.71 -8.65 -24.43
CA VAL A 153 -25.04 -8.39 -23.94
C VAL A 153 -26.01 -8.79 -25.03
N ASN A 154 -27.22 -9.14 -24.61
CA ASN A 154 -28.31 -9.50 -25.51
C ASN A 154 -29.27 -8.33 -25.61
N ALA A 155 -29.94 -8.24 -26.75
CA ALA A 155 -31.06 -7.32 -26.87
C ALA A 155 -32.05 -7.52 -25.72
N ASN A 156 -32.46 -6.41 -25.10
CA ASN A 156 -33.47 -6.37 -24.04
C ASN A 156 -33.00 -6.96 -22.72
N GLN A 157 -31.70 -7.06 -22.47
CA GLN A 157 -31.21 -7.64 -21.23
C GLN A 157 -30.05 -6.80 -20.70
N TYR A 158 -29.68 -7.06 -19.45
CA TYR A 158 -28.51 -6.42 -18.84
C TYR A 158 -27.27 -7.28 -19.03
N SER A 159 -26.12 -6.61 -19.06
CA SER A 159 -24.86 -7.33 -19.13
C SER A 159 -24.72 -8.24 -17.92
N PRO A 160 -24.18 -9.45 -18.08
CA PRO A 160 -23.95 -10.30 -16.91
C PRO A 160 -23.19 -9.59 -15.82
N CYS A 161 -22.39 -8.58 -16.18
CA CYS A 161 -21.47 -7.93 -15.30
C CYS A 161 -22.06 -6.76 -14.53
N VAL A 162 -23.37 -6.47 -14.66
CA VAL A 162 -23.92 -5.26 -14.05
C VAL A 162 -23.83 -5.27 -12.54
N SER A 163 -23.75 -6.44 -11.92
CA SER A 163 -23.74 -6.59 -10.48
C SER A 163 -22.35 -6.53 -9.86
N ILE A 164 -21.30 -6.51 -10.67
CA ILE A 164 -19.94 -6.34 -10.20
C ILE A 164 -19.34 -5.02 -10.66
N VAL A 165 -20.11 -4.19 -11.34
CA VAL A 165 -19.71 -2.88 -11.82
C VAL A 165 -20.47 -1.83 -11.03
N PRO A 166 -19.83 -0.82 -10.49
CA PRO A 166 -20.52 0.07 -9.58
C PRO A 166 -21.47 1.00 -10.31
N SER A 167 -22.33 1.63 -9.53
CA SER A 167 -23.35 2.49 -10.11
C SER A 167 -22.73 3.52 -11.03
N THR A 168 -21.62 4.12 -10.63
CA THR A 168 -20.80 4.94 -11.52
C THR A 168 -19.35 4.56 -11.33
N VAL A 169 -18.64 4.34 -12.42
CA VAL A 169 -17.22 4.05 -12.33
C VAL A 169 -16.50 5.26 -11.76
N TRP A 170 -15.44 5.02 -11.03
CA TRP A 170 -14.75 6.10 -10.35
C TRP A 170 -13.57 6.61 -11.14
N GLU A 171 -12.83 5.73 -11.78
CA GLU A 171 -11.67 6.11 -12.55
C GLU A 171 -11.68 5.28 -13.82
N ASP A 172 -11.39 5.92 -14.94
CA ASP A 172 -11.29 5.17 -16.18
C ASP A 172 -10.30 4.04 -16.00
N GLY A 173 -10.72 2.84 -16.36
CA GLY A 173 -9.85 1.70 -16.34
C GLY A 173 -9.99 0.80 -15.13
N ASP A 174 -10.77 1.20 -14.11
CA ASP A 174 -10.97 0.36 -12.95
C ASP A 174 -11.33 -1.06 -13.36
N TYR A 175 -11.05 -2.00 -12.47
CA TYR A 175 -11.10 -3.41 -12.79
C TYR A 175 -11.82 -4.14 -11.68
N TYR A 176 -12.82 -4.93 -12.02
CA TYR A 176 -13.61 -5.63 -11.03
C TYR A 176 -13.69 -7.10 -11.39
N ARG A 177 -14.01 -7.91 -10.40
CA ARG A 177 -13.97 -9.35 -10.57
C ARG A 177 -14.85 -10.00 -9.51
N LYS A 178 -15.45 -11.13 -9.88
CA LYS A 178 -16.29 -11.90 -8.97
C LYS A 178 -15.98 -13.37 -9.22
N GLN A 179 -15.77 -14.13 -8.15
CA GLN A 179 -15.49 -15.53 -8.32
C GLN A 179 -16.78 -16.33 -8.44
N LEU A 180 -16.76 -17.31 -9.32
CA LEU A 180 -17.89 -18.20 -9.55
C LEU A 180 -17.72 -19.48 -8.76
N SER A 181 -18.81 -19.92 -8.14
CA SER A 181 -18.86 -21.19 -7.42
C SER A 181 -18.48 -22.35 -8.34
N PRO A 182 -18.24 -23.56 -7.82
CA PRO A 182 -17.88 -24.65 -8.74
C PRO A 182 -19.07 -25.12 -9.56
N LEU A 183 -20.28 -25.05 -9.00
CA LEU A 183 -21.48 -25.27 -9.78
C LEU A 183 -21.47 -24.44 -11.05
N GLU A 184 -21.14 -23.15 -10.94
CA GLU A 184 -21.13 -22.24 -12.07
C GLU A 184 -19.95 -22.46 -13.03
N GLY A 185 -19.16 -23.49 -12.84
CA GLY A 185 -17.99 -23.71 -13.67
C GLY A 185 -16.69 -23.12 -13.16
N GLY A 186 -16.68 -22.53 -11.97
CA GLY A 186 -15.45 -21.95 -11.47
C GLY A 186 -15.02 -20.74 -12.26
N GLY A 187 -13.71 -20.49 -12.23
CA GLY A 187 -13.16 -19.31 -12.82
C GLY A 187 -13.74 -18.07 -12.16
N TRP A 188 -13.59 -16.96 -12.87
CA TRP A 188 -14.03 -15.66 -12.41
C TRP A 188 -14.89 -15.01 -13.47
N LEU A 189 -15.81 -14.18 -13.04
CA LEU A 189 -16.39 -13.18 -13.91
C LEU A 189 -15.59 -11.89 -13.77
N VAL A 190 -15.28 -11.26 -14.89
CA VAL A 190 -14.28 -10.19 -14.93
C VAL A 190 -14.76 -9.04 -15.81
N ALA A 191 -14.52 -7.81 -15.38
CA ALA A 191 -15.03 -6.63 -16.07
C ALA A 191 -14.10 -5.46 -15.88
N SER A 192 -14.28 -4.44 -16.71
CA SER A 192 -13.57 -3.18 -16.58
C SER A 192 -14.45 -2.05 -17.11
N GLY A 193 -14.36 -0.87 -16.49
CA GLY A 193 -15.19 0.27 -16.86
C GLY A 193 -14.43 1.44 -17.47
N SER A 194 -15.10 2.23 -18.30
CA SER A 194 -14.56 3.46 -18.88
C SER A 194 -15.33 4.65 -18.36
N THR A 195 -14.70 5.82 -18.36
CA THR A 195 -15.37 7.04 -17.92
C THR A 195 -15.23 8.15 -18.95
N VAL A 196 -16.14 9.12 -18.83
CA VAL A 196 -16.32 10.19 -19.78
C VAL A 196 -16.60 11.47 -19.01
N ALA A 197 -15.94 12.56 -19.38
CA ALA A 197 -16.10 13.80 -18.65
C ALA A 197 -17.55 14.26 -18.69
N MET A 198 -18.07 14.64 -17.54
CA MET A 198 -19.41 15.19 -17.47
C MET A 198 -19.52 16.45 -18.34
N THR A 199 -20.74 16.77 -18.75
CA THR A 199 -21.06 17.97 -19.47
C THR A 199 -21.79 18.95 -18.56
N GLU A 200 -21.81 20.22 -18.97
CA GLU A 200 -22.47 21.26 -18.19
C GLU A 200 -23.92 20.93 -17.92
N GLN A 201 -24.62 20.40 -18.90
CA GLN A 201 -25.97 19.92 -18.73
C GLN A 201 -26.00 18.41 -18.97
N LEU A 202 -26.78 17.70 -18.17
CA LEU A 202 -26.86 16.26 -18.33
C LEU A 202 -27.37 15.90 -19.72
N GLN A 203 -26.74 14.90 -20.33
CA GLN A 203 -27.16 14.36 -21.61
C GLN A 203 -27.68 12.94 -21.42
N MET A 204 -28.89 12.70 -21.90
CA MET A 204 -29.54 11.41 -21.70
C MET A 204 -29.85 10.76 -23.04
N GLY A 205 -29.92 9.44 -23.02
CA GLY A 205 -30.50 8.68 -24.10
C GLY A 205 -31.79 8.05 -23.59
N PHE A 206 -32.79 8.00 -24.47
CA PHE A 206 -34.06 7.35 -24.21
C PHE A 206 -34.24 6.26 -25.26
N GLY A 207 -34.48 5.05 -24.81
CA GLY A 207 -34.74 3.97 -25.73
C GLY A 207 -36.19 3.55 -25.69
N ILE A 208 -36.89 3.61 -26.81
CA ILE A 208 -38.28 3.21 -26.88
C ILE A 208 -38.37 2.02 -27.79
N THR A 209 -38.99 0.95 -27.32
CA THR A 209 -39.27 -0.19 -28.16
C THR A 209 -40.73 -0.55 -27.97
N VAL A 210 -41.47 -0.65 -29.07
CA VAL A 210 -42.91 -0.91 -29.03
C VAL A 210 -43.20 -2.30 -29.58
N GLN A 211 -44.24 -2.92 -29.06
CA GLN A 211 -44.67 -4.26 -29.46
C GLN A 211 -46.10 -4.19 -29.95
N TYR A 212 -46.34 -4.66 -31.17
CA TYR A 212 -47.68 -4.82 -31.70
C TYR A 212 -48.14 -6.25 -31.46
N GLY A 213 -49.35 -6.40 -30.95
CA GLY A 213 -49.93 -7.71 -30.66
C GLY A 213 -51.26 -7.93 -31.35
N THR A 216 -55.44 -6.11 -30.27
CA THR A 216 -54.94 -6.60 -29.00
C THR A 216 -54.11 -5.51 -28.32
N ASN A 217 -54.28 -4.27 -28.80
CA ASN A 217 -53.33 -3.18 -28.62
C ASN A 217 -53.92 -2.07 -27.75
N SER A 218 -53.67 -2.10 -26.44
CA SER A 218 -54.30 -1.17 -25.53
C SER A 218 -53.52 0.12 -25.30
N VAL A 219 -52.22 0.15 -25.58
CA VAL A 219 -51.40 1.35 -25.37
C VAL A 219 -51.61 2.28 -26.56
N CYS A 220 -52.38 3.34 -26.37
CA CYS A 220 -52.78 4.22 -27.46
C CYS A 220 -52.47 5.67 -27.11
N PRO A 221 -52.41 6.56 -28.12
CA PRO A 221 -52.09 7.97 -27.83
C PRO A 221 -53.19 8.71 -27.09
N LYS A 222 -53.25 10.04 -27.24
CA LYS A 222 -54.31 10.84 -26.64
C LYS A 222 -54.92 11.85 -27.63
N ALA B 1 -4.34 -20.73 1.90
CA ALA B 1 -4.76 -19.75 0.88
C ALA B 1 -3.64 -19.26 -0.11
N THR B 2 -3.92 -18.19 -0.87
CA THR B 2 -3.01 -17.65 -1.89
C THR B 2 -1.88 -16.83 -1.27
N ARG B 3 -0.68 -16.99 -1.82
CA ARG B 3 0.52 -16.42 -1.24
C ARG B 3 1.41 -15.86 -2.34
N LEU B 4 2.29 -14.95 -1.97
CA LEU B 4 3.24 -14.33 -2.90
C LEU B 4 4.66 -14.55 -2.40
N GLU B 5 5.50 -15.21 -3.22
CA GLU B 5 6.89 -15.47 -2.90
C GLU B 5 7.78 -14.64 -3.81
N GLU B 6 8.63 -13.81 -3.23
CA GLU B 6 9.48 -12.95 -4.03
C GLU B 6 10.90 -13.51 -4.18
N SER B 7 11.63 -12.89 -5.11
CA SER B 7 12.99 -13.29 -5.40
C SER B 7 13.94 -12.76 -4.34
N GLY B 8 15.11 -13.40 -4.25
CA GLY B 8 16.04 -13.09 -3.20
C GLY B 8 16.61 -11.69 -3.30
N ALA B 9 17.20 -11.23 -2.21
CA ALA B 9 17.85 -9.93 -2.23
C ALA B 9 18.94 -9.92 -3.29
N GLU B 10 19.28 -8.72 -3.73
CA GLU B 10 20.07 -8.56 -4.94
C GLU B 10 20.73 -7.20 -4.87
N VAL B 11 22.02 -7.16 -5.21
CA VAL B 11 22.82 -5.95 -5.17
C VAL B 11 23.04 -5.47 -6.59
N LYS B 12 22.94 -4.16 -6.78
CA LYS B 12 23.09 -3.57 -8.11
C LYS B 12 23.91 -2.29 -8.02
N LYS B 13 24.78 -2.08 -9.04
CA LYS B 13 25.62 -0.89 -9.19
C LYS B 13 24.78 0.26 -9.73
N PRO B 14 25.02 1.49 -9.26
CA PRO B 14 24.24 2.63 -9.76
C PRO B 14 24.28 2.69 -11.29
N GLY B 15 23.13 3.01 -11.87
CA GLY B 15 22.98 3.03 -13.30
C GLY B 15 22.50 1.75 -13.93
N SER B 16 22.57 0.62 -13.23
CA SER B 16 22.11 -0.66 -13.76
C SER B 16 20.59 -0.81 -13.62
N SER B 17 20.07 -1.99 -13.97
CA SER B 17 18.64 -2.30 -13.88
C SER B 17 18.44 -3.61 -13.14
N VAL B 18 17.36 -3.69 -12.37
CA VAL B 18 17.06 -4.87 -11.55
C VAL B 18 15.70 -5.43 -11.94
N LYS B 19 15.57 -6.76 -11.89
CA LYS B 19 14.31 -7.43 -12.17
C LYS B 19 13.95 -8.31 -10.96
N VAL B 20 13.05 -7.80 -10.13
CA VAL B 20 12.49 -8.51 -8.98
C VAL B 20 11.30 -9.33 -9.43
N SER B 21 11.19 -10.55 -8.94
CA SER B 21 10.10 -11.42 -9.36
C SER B 21 9.14 -11.66 -8.20
N CYS B 22 7.96 -12.18 -8.53
CA CYS B 22 6.89 -12.36 -7.55
C CYS B 22 5.98 -13.48 -8.02
N LYS B 23 6.11 -14.65 -7.41
CA LYS B 23 5.38 -15.84 -7.83
C LYS B 23 4.25 -16.14 -6.86
N ALA B 24 3.11 -16.52 -7.42
CA ALA B 24 1.90 -16.79 -6.67
C ALA B 24 1.65 -18.29 -6.62
N SER B 25 1.08 -18.73 -5.51
CA SER B 25 0.78 -20.13 -5.31
C SER B 25 -0.37 -20.21 -4.33
N GLY B 26 -1.07 -21.34 -4.39
CA GLY B 26 -2.18 -21.62 -3.50
C GLY B 26 -3.56 -21.28 -4.03
N GLY B 27 -3.66 -20.74 -5.23
CA GLY B 27 -4.93 -20.41 -5.83
C GLY B 27 -4.79 -20.23 -7.33
N THR B 28 -5.16 -19.06 -7.84
CA THR B 28 -5.00 -18.74 -9.25
C THR B 28 -4.17 -17.47 -9.38
N PHE B 29 -4.12 -16.91 -10.58
CA PHE B 29 -3.17 -15.85 -10.84
C PHE B 29 -3.66 -14.75 -11.77
N SER B 30 -4.26 -15.11 -12.89
CA SER B 30 -4.48 -14.15 -13.97
C SER B 30 -5.46 -13.04 -13.62
N SER B 31 -6.34 -13.24 -12.66
CA SER B 31 -7.32 -12.23 -12.31
C SER B 31 -6.81 -11.22 -11.29
N TYR B 32 -5.64 -11.46 -10.71
CA TYR B 32 -5.20 -10.65 -9.59
C TYR B 32 -4.64 -9.34 -10.07
N ALA B 33 -4.83 -8.32 -9.26
CA ALA B 33 -4.33 -6.98 -9.52
C ALA B 33 -3.10 -6.79 -8.65
N ILE B 34 -1.92 -7.03 -9.23
CA ILE B 34 -0.67 -7.15 -8.51
C ILE B 34 0.06 -5.83 -8.58
N SER B 35 0.21 -5.19 -7.43
CA SER B 35 0.90 -3.92 -7.28
C SER B 35 2.34 -4.14 -6.83
N TRP B 36 3.13 -3.09 -6.96
CA TRP B 36 4.49 -3.05 -6.44
C TRP B 36 4.63 -1.80 -5.59
N VAL B 37 4.95 -2.00 -4.34
CA VAL B 37 5.16 -0.93 -3.37
C VAL B 37 6.57 -1.14 -2.87
N ARG B 38 7.33 -0.06 -2.72
CA ARG B 38 8.70 -0.13 -2.26
C ARG B 38 8.82 0.70 -1.00
N GLN B 39 9.84 0.44 -0.21
CA GLN B 39 9.98 1.15 1.06
C GLN B 39 11.44 1.28 1.47
N ALA B 40 11.87 2.51 1.60
CA ALA B 40 13.25 2.83 1.95
C ALA B 40 13.46 2.81 3.46
N PRO B 41 14.64 2.40 3.90
CA PRO B 41 14.85 2.11 5.33
C PRO B 41 14.54 3.31 6.19
N GLY B 42 13.71 3.08 7.21
CA GLY B 42 13.22 4.14 8.04
C GLY B 42 12.19 5.01 7.39
N GLN B 43 11.83 4.74 6.14
CA GLN B 43 10.89 5.59 5.41
C GLN B 43 9.55 4.86 5.21
N GLY B 44 8.58 5.64 4.74
CA GLY B 44 7.22 5.19 4.50
C GLY B 44 7.09 4.41 3.22
N LEU B 45 5.86 4.35 2.73
CA LEU B 45 5.51 3.43 1.65
C LEU B 45 5.27 4.20 0.37
N GLU B 46 5.57 3.59 -0.77
CA GLU B 46 5.47 4.26 -2.05
C GLU B 46 4.97 3.31 -3.11
N TRP B 47 3.89 3.67 -3.80
CA TRP B 47 3.27 2.82 -4.81
C TRP B 47 3.86 3.14 -6.16
N MET B 48 4.01 2.12 -6.97
CA MET B 48 4.81 2.27 -8.16
C MET B 48 4.07 1.96 -9.43
N GLY B 49 3.29 0.90 -9.44
CA GLY B 49 2.49 0.51 -10.58
C GLY B 49 1.80 -0.78 -10.24
N ARG B 50 1.12 -1.34 -11.21
CA ARG B 50 0.26 -2.50 -10.97
C ARG B 50 -0.06 -3.14 -12.30
N ILE B 51 -0.23 -4.47 -12.31
CA ILE B 51 -0.62 -5.17 -13.52
C ILE B 51 -1.72 -6.18 -13.22
N ILE B 52 -2.67 -6.30 -14.14
CA ILE B 52 -3.66 -7.37 -14.12
C ILE B 52 -3.42 -8.27 -15.32
N PRO B 53 -2.85 -9.46 -15.13
CA PRO B 53 -2.40 -10.27 -16.27
C PRO B 53 -3.36 -10.41 -17.45
N ILE B 54 -4.65 -10.68 -17.26
CA ILE B 54 -5.50 -10.80 -18.43
C ILE B 54 -5.76 -9.45 -19.06
N LEU B 55 -5.81 -8.38 -18.27
CA LEU B 55 -5.97 -7.08 -18.86
C LEU B 55 -4.77 -6.69 -19.71
N GLY B 56 -3.72 -7.48 -19.70
CA GLY B 56 -2.64 -7.22 -20.63
C GLY B 56 -1.54 -6.35 -20.13
N ILE B 57 -1.79 -5.06 -20.00
CA ILE B 57 -0.72 -4.09 -19.82
C ILE B 57 -0.82 -3.49 -18.43
N ALA B 58 0.32 -3.03 -17.93
CA ALA B 58 0.45 -2.46 -16.62
C ALA B 58 0.12 -0.98 -16.66
N ASN B 59 0.08 -0.37 -15.49
CA ASN B 59 -0.11 1.07 -15.41
C ASN B 59 0.72 1.55 -14.23
N TYR B 60 1.40 2.69 -14.41
CA TYR B 60 2.46 3.15 -13.53
C TYR B 60 2.10 4.47 -12.91
N ALA B 61 2.83 4.83 -11.86
CA ALA B 61 2.81 6.20 -11.40
C ALA B 61 3.67 7.08 -12.32
N GLN B 62 3.38 8.38 -12.31
CA GLN B 62 4.09 9.28 -13.21
C GLN B 62 5.55 9.44 -12.82
N LYS B 63 5.84 9.54 -11.52
CA LYS B 63 7.22 9.61 -11.06
C LYS B 63 8.09 8.55 -11.72
N PHE B 64 7.69 7.29 -11.61
CA PHE B 64 8.42 6.17 -12.15
C PHE B 64 8.11 5.91 -13.61
N GLN B 65 7.34 6.78 -14.27
CA GLN B 65 7.19 6.69 -15.72
C GLN B 65 8.57 7.01 -16.29
N GLY B 66 9.41 6.01 -16.29
CA GLY B 66 10.61 5.95 -17.08
C GLY B 66 10.39 4.56 -17.62
N ARG B 67 11.08 3.50 -17.18
CA ARG B 67 12.02 3.29 -16.05
C ARG B 67 11.60 1.95 -15.44
N VAL B 68 10.40 1.91 -14.83
CA VAL B 68 9.86 0.70 -14.24
C VAL B 68 9.06 -0.06 -15.29
N THR B 69 9.16 -1.38 -15.28
CA THR B 69 8.45 -2.21 -16.24
C THR B 69 7.88 -3.42 -15.50
N ILE B 70 6.56 -3.51 -15.47
CA ILE B 70 5.86 -4.55 -14.76
C ILE B 70 5.24 -5.47 -15.80
N THR B 71 5.53 -6.77 -15.69
CA THR B 71 5.09 -7.78 -16.63
C THR B 71 4.64 -9.00 -15.85
N ALA B 72 3.90 -9.87 -16.53
CA ALA B 72 3.40 -11.08 -15.89
C ALA B 72 3.45 -12.23 -16.89
N ASP B 73 3.78 -13.40 -16.38
CA ASP B 73 3.83 -14.61 -17.17
C ASP B 73 2.81 -15.56 -16.57
N LYS B 74 1.70 -15.75 -17.26
CA LYS B 74 0.59 -16.47 -16.67
C LYS B 74 0.89 -17.94 -16.51
N SER B 75 1.98 -18.44 -17.09
CA SER B 75 2.36 -19.84 -16.96
C SER B 75 3.24 -20.09 -15.74
N THR B 76 4.07 -19.12 -15.36
CA THR B 76 4.85 -19.23 -14.14
C THR B 76 4.09 -18.82 -12.89
N SER B 77 2.81 -18.44 -13.02
CA SER B 77 2.15 -17.59 -12.04
C SER B 77 3.13 -16.59 -11.46
N THR B 78 3.95 -15.96 -12.30
CA THR B 78 4.94 -14.99 -11.85
C THR B 78 4.72 -13.65 -12.53
N ALA B 79 4.82 -12.60 -11.74
CA ALA B 79 4.89 -11.23 -12.22
C ALA B 79 6.25 -10.66 -11.88
N TYR B 80 6.71 -9.68 -12.66
CA TYR B 80 8.02 -9.10 -12.44
C TYR B 80 7.89 -7.59 -12.42
N MET B 81 8.85 -6.97 -11.75
CA MET B 81 9.04 -5.53 -11.76
C MET B 81 10.49 -5.27 -12.10
N GLU B 82 10.73 -4.33 -13.01
CA GLU B 82 12.05 -4.00 -13.52
C GLU B 82 12.23 -2.50 -13.37
N LEU B 83 13.41 -2.07 -12.95
CA LEU B 83 13.62 -0.66 -12.65
C LEU B 83 14.99 -0.23 -13.16
N SER B 84 15.01 0.65 -14.15
CA SER B 84 16.23 1.04 -14.86
C SER B 84 16.89 2.23 -14.20
N SER B 85 18.16 2.42 -14.54
CA SER B 85 18.93 3.61 -14.18
C SER B 85 18.90 3.84 -12.67
N LEU B 86 19.38 2.83 -11.94
CA LEU B 86 19.27 2.80 -10.49
C LEU B 86 19.94 4.03 -9.87
N ARG B 87 19.81 4.17 -8.55
CA ARG B 87 20.31 5.37 -7.90
C ARG B 87 20.27 5.19 -6.39
N SER B 88 21.18 5.88 -5.70
CA SER B 88 21.32 5.69 -4.27
C SER B 88 20.03 5.96 -3.49
N GLU B 89 19.05 6.64 -4.05
CA GLU B 89 17.78 6.73 -3.34
C GLU B 89 16.80 5.65 -3.77
N ASP B 90 17.12 4.88 -4.81
CA ASP B 90 16.30 3.76 -5.23
C ASP B 90 16.64 2.47 -4.50
N THR B 91 17.25 2.56 -3.33
CA THR B 91 17.53 1.36 -2.55
C THR B 91 16.50 1.23 -1.44
N ALA B 92 15.84 0.08 -1.39
CA ALA B 92 14.67 -0.10 -0.55
C ALA B 92 14.26 -1.56 -0.58
N VAL B 93 13.31 -1.91 0.30
CA VAL B 93 12.60 -3.17 0.15
C VAL B 93 11.49 -2.97 -0.87
N TYR B 94 11.43 -3.86 -1.84
CA TYR B 94 10.45 -3.80 -2.92
C TYR B 94 9.37 -4.86 -2.68
N TYR B 95 8.18 -4.40 -2.34
CA TYR B 95 7.11 -5.31 -1.99
C TYR B 95 6.23 -5.58 -3.20
N CYS B 96 5.86 -6.83 -3.31
CA CYS B 96 4.86 -7.35 -4.22
C CYS B 96 3.54 -7.48 -3.45
N ALA B 97 2.44 -6.89 -3.95
CA ALA B 97 1.21 -6.77 -3.17
C ALA B 97 -0.05 -6.92 -4.03
N SER B 98 -1.14 -7.37 -3.42
CA SER B 98 -2.40 -7.59 -4.14
C SER B 98 -3.58 -7.62 -3.15
N LYS B 99 -4.78 -7.93 -3.67
CA LYS B 99 -6.02 -8.05 -2.89
C LYS B 99 -6.61 -9.44 -3.04
N GLN B 100 -7.25 -9.94 -2.00
CA GLN B 100 -7.90 -11.24 -2.09
C GLN B 100 -9.39 -11.11 -2.31
N GLY B 101 -9.97 -12.12 -2.91
CA GLY B 101 -11.40 -12.17 -3.06
C GLY B 101 -11.91 -11.36 -4.23
N ASP B 102 -13.19 -11.06 -4.18
CA ASP B 102 -13.83 -10.29 -5.23
C ASP B 102 -13.41 -8.84 -5.16
N TYR B 103 -13.41 -8.19 -6.32
CA TYR B 103 -13.01 -6.79 -6.49
C TYR B 103 -14.23 -5.96 -6.86
N TYR B 104 -14.70 -5.11 -5.96
CA TYR B 104 -15.72 -4.12 -6.24
C TYR B 104 -15.11 -2.75 -6.10
N ASP B 105 -15.48 -1.85 -7.00
CA ASP B 105 -15.08 -0.42 -7.03
C ASP B 105 -13.55 -0.33 -7.02
N ARG B 106 -12.95 0.39 -6.07
CA ARG B 106 -11.51 0.58 -6.05
C ARG B 106 -10.84 -0.30 -5.02
N THR B 107 -11.46 -1.42 -4.67
CA THR B 107 -11.06 -2.16 -3.48
C THR B 107 -9.84 -3.03 -3.73
N SER B 108 -9.49 -3.28 -4.98
CA SER B 108 -8.27 -3.98 -5.34
C SER B 108 -7.02 -3.13 -5.15
N TYR B 109 -7.14 -1.91 -4.66
CA TYR B 109 -5.99 -1.08 -4.31
C TYR B 109 -5.72 -1.07 -2.83
N ALA B 110 -6.50 -1.80 -2.06
CA ALA B 110 -6.18 -2.11 -0.68
C ALA B 110 -5.53 -3.49 -0.65
N PHE B 111 -4.44 -3.60 0.08
CA PHE B 111 -3.53 -4.72 -0.07
C PHE B 111 -3.57 -5.60 1.16
N ASP B 112 -4.11 -6.80 1.02
CA ASP B 112 -4.06 -7.78 2.08
C ASP B 112 -3.39 -9.04 1.61
N ILE B 113 -2.66 -8.97 0.50
CA ILE B 113 -1.72 -9.99 0.11
C ILE B 113 -0.39 -9.28 -0.16
N TRP B 114 0.61 -9.59 0.65
CA TRP B 114 1.94 -9.05 0.50
C TRP B 114 2.94 -10.17 0.35
N GLY B 115 4.01 -9.89 -0.38
CA GLY B 115 5.14 -10.79 -0.47
C GLY B 115 6.08 -10.55 0.68
N GLN B 116 7.11 -11.38 0.75
CA GLN B 116 8.06 -11.22 1.84
C GLN B 116 8.88 -9.95 1.68
N GLY B 117 9.02 -9.45 0.46
CA GLY B 117 9.85 -8.30 0.18
C GLY B 117 11.12 -8.70 -0.54
N THR B 118 11.80 -7.68 -1.07
CA THR B 118 13.10 -7.90 -1.69
C THR B 118 13.94 -6.66 -1.45
N MET B 119 15.04 -6.80 -0.72
CA MET B 119 15.93 -5.70 -0.47
C MET B 119 16.85 -5.54 -1.67
N VAL B 120 16.74 -4.41 -2.35
CA VAL B 120 17.59 -4.07 -3.47
C VAL B 120 18.54 -2.97 -3.00
N THR B 121 19.83 -3.24 -3.07
CA THR B 121 20.84 -2.28 -2.63
C THR B 121 21.59 -1.74 -3.84
N VAL B 122 21.73 -0.41 -3.90
CA VAL B 122 22.56 0.27 -4.90
C VAL B 122 23.77 0.87 -4.18
N SER B 123 24.96 0.39 -4.54
CA SER B 123 26.18 0.92 -3.95
C SER B 123 27.33 0.61 -4.88
N SER B 124 28.35 1.48 -4.86
CA SER B 124 29.57 1.17 -5.60
C SER B 124 30.38 0.09 -4.88
N ALA B 125 30.48 0.22 -3.55
CA ALA B 125 31.27 -0.68 -2.73
C ALA B 125 30.98 -2.15 -3.02
N SER B 126 32.00 -2.99 -2.95
CA SER B 126 31.96 -4.36 -3.45
C SER B 126 31.80 -5.36 -2.31
N THR B 127 31.47 -6.59 -2.70
CA THR B 127 31.00 -7.59 -1.75
C THR B 127 32.16 -8.04 -0.85
N LYS B 128 32.06 -7.72 0.43
CA LYS B 128 33.17 -7.91 1.34
C LYS B 128 32.66 -8.28 2.73
N GLY B 129 33.35 -9.23 3.37
CA GLY B 129 33.01 -9.67 4.70
C GLY B 129 33.29 -8.61 5.75
N PRO B 130 32.92 -8.91 6.98
CA PRO B 130 33.08 -7.93 8.06
C PRO B 130 34.44 -8.02 8.75
N SER B 131 34.56 -7.42 9.93
CA SER B 131 35.73 -7.64 10.77
C SER B 131 35.35 -7.27 12.19
N VAL B 132 35.47 -8.22 13.10
CA VAL B 132 34.95 -8.11 14.46
C VAL B 132 36.06 -7.72 15.40
N PHE B 133 35.80 -6.72 16.23
CA PHE B 133 36.83 -6.24 17.16
C PHE B 133 36.33 -6.40 18.57
N PRO B 134 37.09 -7.11 19.40
CA PRO B 134 36.78 -7.22 20.82
C PRO B 134 36.32 -5.91 21.43
N LEU B 135 35.12 -5.89 22.00
CA LEU B 135 34.60 -4.71 22.66
C LEU B 135 34.64 -4.97 24.17
N ALA B 136 35.86 -5.01 24.71
CA ALA B 136 36.13 -5.61 26.01
C ALA B 136 35.45 -4.87 27.17
N PRO B 137 35.17 -5.55 28.27
CA PRO B 137 34.62 -4.89 29.45
C PRO B 137 35.71 -4.27 30.29
N SER B 138 35.31 -3.28 31.07
CA SER B 138 36.25 -2.48 31.84
C SER B 138 35.59 -2.09 33.14
N SER B 139 36.31 -1.33 33.95
CA SER B 139 35.72 -0.76 35.14
C SER B 139 34.72 0.34 34.79
N LYS B 140 34.79 0.86 33.57
CA LYS B 140 33.85 1.87 33.11
C LYS B 140 32.57 1.28 32.54
N SER B 141 32.61 0.01 32.06
CA SER B 141 31.42 -0.74 31.64
C SER B 141 30.67 -1.36 32.80
N THR B 142 30.86 -0.90 34.03
CA THR B 142 30.41 -1.65 35.20
C THR B 142 29.47 -0.81 36.05
N SER B 143 28.32 -1.38 36.37
CA SER B 143 27.43 -0.92 37.42
C SER B 143 26.65 -2.12 37.93
N GLY B 144 26.31 -2.08 39.21
CA GLY B 144 25.43 -3.08 39.82
C GLY B 144 25.93 -4.51 39.74
N GLY B 145 27.25 -4.73 39.77
CA GLY B 145 27.75 -6.08 39.65
C GLY B 145 27.57 -6.71 38.30
N THR B 146 27.14 -5.92 37.31
CA THR B 146 26.97 -6.36 35.93
C THR B 146 28.03 -5.69 35.06
N ALA B 147 28.41 -6.36 33.97
CA ALA B 147 29.50 -5.91 33.11
C ALA B 147 29.08 -5.99 31.65
N ALA B 148 29.05 -4.85 30.97
CA ALA B 148 28.67 -4.81 29.57
C ALA B 148 29.91 -4.98 28.70
N LEU B 149 29.89 -5.98 27.84
CA LEU B 149 30.93 -6.15 26.85
C LEU B 149 30.21 -6.29 25.52
N GLY B 150 30.91 -6.59 24.44
CA GLY B 150 30.24 -6.74 23.17
C GLY B 150 31.19 -7.10 22.05
N CYS B 151 30.72 -6.93 20.82
CA CYS B 151 31.57 -6.99 19.65
C CYS B 151 31.29 -5.77 18.78
N LEU B 152 32.21 -5.49 17.86
CA LEU B 152 31.99 -4.48 16.82
C LEU B 152 32.32 -5.15 15.51
N VAL B 153 31.30 -5.37 14.72
CA VAL B 153 31.46 -6.01 13.43
C VAL B 153 31.38 -4.87 12.43
N LYS B 154 32.52 -4.56 11.81
CA LYS B 154 32.67 -3.29 11.10
C LYS B 154 32.94 -3.51 9.63
N ASP B 155 32.36 -2.62 8.83
CA ASP B 155 32.65 -2.49 7.42
C ASP B 155 32.47 -3.84 6.70
N TYR B 156 31.20 -4.22 6.57
CA TYR B 156 30.76 -5.34 5.76
C TYR B 156 29.76 -4.84 4.73
N PHE B 157 29.52 -5.67 3.72
CA PHE B 157 28.63 -5.32 2.66
C PHE B 157 28.32 -6.55 1.80
N PRO B 158 27.03 -6.75 1.48
CA PRO B 158 25.89 -5.95 1.95
C PRO B 158 25.22 -6.58 3.14
N GLU B 159 24.24 -5.89 3.72
CA GLU B 159 23.35 -6.48 4.71
C GLU B 159 22.87 -7.87 4.28
N PRO B 160 22.67 -8.78 5.26
CA PRO B 160 22.87 -8.55 6.68
C PRO B 160 23.88 -9.48 7.32
N VAL B 161 24.12 -9.24 8.61
CA VAL B 161 24.88 -10.14 9.46
C VAL B 161 24.02 -10.53 10.64
N THR B 162 24.16 -11.78 11.07
CA THR B 162 23.54 -12.29 12.29
C THR B 162 24.61 -12.47 13.36
N VAL B 163 24.33 -11.99 14.57
CA VAL B 163 25.26 -12.05 15.68
C VAL B 163 24.66 -12.90 16.79
N SER B 164 25.43 -13.91 17.24
CA SER B 164 25.03 -14.79 18.33
C SER B 164 26.11 -14.86 19.39
N TRP B 165 25.72 -15.29 20.58
CA TRP B 165 26.60 -15.30 21.74
C TRP B 165 26.75 -16.70 22.29
N ASN B 166 28.00 -17.16 22.41
CA ASN B 166 28.31 -18.49 22.93
C ASN B 166 27.58 -19.57 22.11
N SER B 167 27.73 -19.49 20.79
CA SER B 167 27.13 -20.44 19.86
C SER B 167 25.62 -20.58 20.04
N GLY B 168 25.00 -19.72 20.85
CA GLY B 168 23.58 -19.77 21.11
C GLY B 168 23.22 -19.87 22.57
N ALA B 169 24.18 -20.19 23.44
CA ALA B 169 23.87 -20.38 24.85
C ALA B 169 23.37 -19.10 25.48
N LEU B 170 23.89 -17.95 25.07
CA LEU B 170 23.63 -16.69 25.75
C LEU B 170 22.74 -15.82 24.90
N THR B 171 21.55 -15.49 25.42
CA THR B 171 20.58 -14.73 24.65
C THR B 171 19.98 -13.60 25.49
N SER B 172 19.98 -13.77 26.80
CA SER B 172 19.27 -12.81 27.63
C SER B 172 20.10 -11.55 27.83
N GLY B 173 19.41 -10.41 27.95
CA GLY B 173 20.06 -9.12 28.10
C GLY B 173 20.94 -8.71 26.94
N VAL B 174 20.91 -9.43 25.82
CA VAL B 174 21.65 -9.05 24.62
C VAL B 174 20.97 -7.88 23.93
N HIS B 175 21.76 -7.01 23.33
CA HIS B 175 21.28 -5.96 22.46
C HIS B 175 22.19 -5.98 21.24
N THR B 176 21.78 -6.68 20.19
CA THR B 176 22.42 -6.49 18.90
C THR B 176 21.77 -5.28 18.24
N PHE B 177 22.55 -4.20 18.03
CA PHE B 177 22.00 -2.99 17.46
C PHE B 177 21.81 -3.15 15.96
N PRO B 178 20.84 -2.44 15.39
CA PRO B 178 20.68 -2.47 13.94
C PRO B 178 21.77 -1.67 13.26
N ALA B 179 22.25 -2.20 12.14
CA ALA B 179 23.34 -1.57 11.41
C ALA B 179 23.06 -0.10 11.14
N VAL B 180 24.12 0.68 11.02
CA VAL B 180 24.04 2.00 10.43
C VAL B 180 24.82 1.97 9.13
N LEU B 181 24.71 3.04 8.36
CA LEU B 181 25.52 3.23 7.17
C LEU B 181 26.58 4.26 7.49
N GLN B 182 27.83 3.90 7.24
CA GLN B 182 28.93 4.79 7.55
C GLN B 182 29.28 5.59 6.30
N SER B 183 29.92 6.74 6.53
CA SER B 183 30.43 7.54 5.41
C SER B 183 31.19 6.68 4.41
N SER B 184 31.90 5.68 4.91
CA SER B 184 32.62 4.68 4.11
C SER B 184 31.78 4.02 3.01
N GLY B 185 30.46 4.07 3.10
CA GLY B 185 29.62 3.26 2.22
C GLY B 185 29.50 1.80 2.60
N LEU B 186 29.86 1.45 3.84
CA LEU B 186 29.81 0.10 4.38
C LEU B 186 29.20 0.19 5.76
N TYR B 187 28.58 -0.91 6.20
CA TYR B 187 27.86 -0.89 7.49
C TYR B 187 28.72 -1.36 8.65
N SER B 188 28.45 -0.79 9.81
CA SER B 188 28.93 -1.28 11.09
C SER B 188 27.74 -1.48 12.03
N LEU B 189 27.79 -2.53 12.82
CA LEU B 189 26.86 -2.63 13.95
C LEU B 189 27.64 -3.12 15.15
N SER B 190 27.14 -2.75 16.32
CA SER B 190 27.77 -3.11 17.58
C SER B 190 26.77 -3.91 18.41
N SER B 191 27.08 -5.19 18.65
CA SER B 191 26.31 -6.07 19.53
C SER B 191 26.88 -6.06 20.95
N VAL B 192 26.01 -6.02 21.96
CA VAL B 192 26.44 -5.95 23.34
C VAL B 192 25.60 -6.89 24.19
N VAL B 193 26.15 -7.25 25.35
CA VAL B 193 25.50 -8.18 26.28
C VAL B 193 25.87 -7.76 27.69
N THR B 194 25.00 -8.09 28.65
CA THR B 194 25.17 -7.67 30.04
C THR B 194 25.26 -8.90 30.93
N VAL B 195 26.48 -9.25 31.35
CA VAL B 195 26.75 -10.47 32.09
C VAL B 195 27.12 -10.13 33.52
N PRO B 196 27.09 -11.09 34.47
CA PRO B 196 27.55 -10.77 35.82
C PRO B 196 29.07 -10.69 35.85
N SER B 197 29.58 -9.72 36.61
CA SER B 197 31.02 -9.49 36.68
C SER B 197 31.75 -10.73 37.16
N SER B 198 31.16 -11.46 38.11
CA SER B 198 31.77 -12.67 38.66
C SER B 198 32.31 -13.60 37.56
N SER B 199 31.55 -13.76 36.48
CA SER B 199 31.87 -14.75 35.46
C SER B 199 32.98 -14.33 34.53
N LEU B 200 33.49 -13.10 34.65
CA LEU B 200 34.46 -12.60 33.68
C LEU B 200 35.72 -13.44 33.62
N GLY B 201 36.14 -14.01 34.76
CA GLY B 201 37.27 -14.90 34.80
C GLY B 201 36.90 -16.36 34.57
N THR B 202 35.67 -16.74 34.95
CA THR B 202 35.19 -18.13 34.88
C THR B 202 34.44 -18.45 33.58
N GLN B 203 33.65 -17.52 33.05
CA GLN B 203 32.88 -17.75 31.83
C GLN B 203 33.46 -16.92 30.70
N THR B 204 33.93 -17.58 29.64
CA THR B 204 34.34 -16.87 28.45
C THR B 204 33.10 -16.38 27.69
N TYR B 205 33.32 -15.39 26.82
CA TYR B 205 32.24 -14.80 26.03
C TYR B 205 32.71 -14.64 24.60
N ILE B 206 32.07 -15.34 23.69
CA ILE B 206 32.48 -15.39 22.29
C ILE B 206 31.30 -14.97 21.42
N CYS B 207 31.51 -13.97 20.57
CA CYS B 207 30.48 -13.56 19.62
C CYS B 207 30.68 -14.31 18.31
N ASN B 208 29.58 -14.73 17.72
CA ASN B 208 29.55 -15.37 16.42
C ASN B 208 28.92 -14.40 15.44
N VAL B 209 29.57 -14.21 14.30
CA VAL B 209 29.14 -13.26 13.28
C VAL B 209 29.04 -13.98 11.95
N ASN B 210 27.85 -14.00 11.38
CA ASN B 210 27.59 -14.66 10.12
C ASN B 210 27.33 -13.60 9.07
N HIS B 211 28.15 -13.58 8.03
CA HIS B 211 27.93 -12.72 6.87
C HIS B 211 27.72 -13.66 5.70
N LYS B 212 26.53 -14.23 5.63
CA LYS B 212 26.12 -15.13 4.56
C LYS B 212 26.53 -14.63 3.18
N PRO B 213 26.39 -13.33 2.86
CA PRO B 213 26.78 -12.88 1.50
C PRO B 213 28.24 -13.14 1.18
N SER B 214 29.16 -12.72 2.06
CA SER B 214 30.59 -12.89 1.86
C SER B 214 31.09 -14.30 2.15
N ASN B 215 30.22 -15.17 2.69
CA ASN B 215 30.57 -16.53 3.12
C ASN B 215 31.53 -16.50 4.31
N THR B 216 31.20 -15.68 5.30
CA THR B 216 32.12 -15.36 6.39
C THR B 216 31.47 -15.65 7.74
N LYS B 217 31.85 -16.77 8.35
CA LYS B 217 31.53 -17.07 9.74
C LYS B 217 32.79 -16.86 10.57
N VAL B 218 32.66 -16.08 11.65
CA VAL B 218 33.81 -15.58 12.41
C VAL B 218 33.42 -15.53 13.88
N ASP B 219 34.17 -16.25 14.72
CA ASP B 219 34.12 -16.17 16.16
C ASP B 219 35.21 -15.22 16.64
N LYS B 220 34.94 -14.53 17.76
CA LYS B 220 35.91 -13.58 18.29
C LYS B 220 35.74 -13.49 19.80
N LYS B 221 36.69 -14.04 20.53
CA LYS B 221 36.63 -14.02 21.98
C LYS B 221 36.78 -12.60 22.51
N VAL B 222 36.04 -12.27 23.56
CA VAL B 222 36.16 -10.99 24.23
C VAL B 222 36.33 -11.23 25.72
N GLU B 223 37.29 -10.54 26.32
CA GLU B 223 37.65 -10.70 27.72
C GLU B 223 38.32 -9.41 28.15
N PRO B 224 38.36 -9.14 29.45
CA PRO B 224 38.92 -7.85 29.91
C PRO B 224 40.38 -7.70 29.53
N LYS B 225 40.79 -6.45 29.36
CA LYS B 225 42.16 -6.05 29.06
C LYS B 225 42.31 -4.54 29.21
N ASP C 1 0.98 14.80 -5.86
CA ASP C 1 -0.03 13.82 -5.53
C ASP C 1 -0.91 14.35 -4.39
N VAL C 2 -1.70 13.49 -3.73
CA VAL C 2 -2.38 13.88 -2.51
C VAL C 2 -1.46 13.61 -1.33
N GLU C 3 -1.32 14.59 -0.44
CA GLU C 3 -0.40 14.51 0.67
C GLU C 3 -1.16 14.11 1.93
N LEU C 4 -0.74 13.00 2.55
CA LEU C 4 -1.36 12.44 3.75
C LEU C 4 -0.42 12.63 4.93
N THR C 5 -0.85 13.41 5.92
CA THR C 5 -0.01 13.78 7.04
C THR C 5 -0.59 13.21 8.33
N GLN C 6 0.15 12.28 8.94
CA GLN C 6 -0.31 11.59 10.14
C GLN C 6 0.22 12.25 11.42
N SER C 7 -0.51 12.03 12.50
CA SER C 7 -0.14 12.63 13.77
C SER C 7 -0.68 11.80 14.90
N PRO C 8 0.06 11.73 16.02
CA PRO C 8 1.41 12.26 16.23
C PRO C 8 2.43 11.34 15.63
N GLY C 9 3.63 11.83 15.35
CA GLY C 9 4.66 10.94 14.85
C GLY C 9 4.87 9.73 15.73
N THR C 10 4.67 9.86 17.03
CA THR C 10 4.83 8.77 17.97
C THR C 10 3.78 8.89 19.07
N LEU C 11 3.17 7.76 19.41
CA LEU C 11 2.09 7.74 20.39
C LEU C 11 2.52 6.85 21.54
N SER C 12 2.38 7.37 22.75
CA SER C 12 2.82 6.66 23.95
C SER C 12 1.58 6.30 24.78
N LEU C 13 1.30 5.01 24.87
CA LEU C 13 0.13 4.53 25.59
C LEU C 13 0.45 3.18 26.22
N SER C 14 -0.33 2.83 27.27
CA SER C 14 -0.24 1.57 28.00
C SER C 14 -1.29 0.59 27.50
N PRO C 15 -1.02 -0.71 27.57
CA PRO C 15 -2.04 -1.69 27.21
C PRO C 15 -3.34 -1.43 27.97
N GLY C 16 -4.45 -1.65 27.30
CA GLY C 16 -5.75 -1.45 27.87
C GLY C 16 -6.34 -0.10 27.62
N GLU C 17 -5.56 0.84 27.12
CA GLU C 17 -6.04 2.19 26.83
C GLU C 17 -6.56 2.28 25.41
N ARG C 18 -7.13 3.45 25.10
CA ARG C 18 -7.74 3.75 23.83
C ARG C 18 -6.84 4.67 23.01
N ALA C 19 -6.52 4.25 21.78
CA ALA C 19 -5.66 4.98 20.85
C ALA C 19 -6.48 5.75 19.81
N THR C 20 -5.98 6.91 19.41
CA THR C 20 -6.60 7.74 18.38
C THR C 20 -5.51 8.24 17.45
N LEU C 21 -5.42 7.66 16.26
CA LEU C 21 -4.44 8.02 15.24
C LEU C 21 -5.09 8.88 14.16
N SER C 22 -4.46 9.99 13.81
CA SER C 22 -5.05 10.91 12.84
C SER C 22 -4.36 10.81 11.48
N CYS C 23 -5.11 11.10 10.44
CA CYS C 23 -4.60 11.17 9.07
C CYS C 23 -5.26 12.37 8.40
N ARG C 24 -4.50 13.40 8.09
CA ARG C 24 -5.03 14.58 7.43
C ARG C 24 -4.53 14.65 6.00
N ALA C 25 -5.40 15.11 5.12
CA ALA C 25 -5.20 15.02 3.69
C ALA C 25 -5.12 16.41 3.07
N SER C 26 -4.30 16.56 2.03
CA SER C 26 -4.17 17.87 1.39
C SER C 26 -5.43 18.23 0.61
N GLN C 27 -6.04 17.27 -0.07
CA GLN C 27 -7.35 17.44 -0.69
C GLN C 27 -8.38 16.55 -0.01
N SER C 28 -9.64 16.78 -0.39
CA SER C 28 -10.72 15.92 0.05
C SER C 28 -10.56 14.53 -0.54
N VAL C 29 -10.74 13.52 0.29
CA VAL C 29 -10.75 12.14 -0.14
C VAL C 29 -12.09 11.53 0.28
N SER C 30 -12.76 10.91 -0.67
CA SER C 30 -13.93 10.11 -0.35
C SER C 30 -13.53 9.07 0.67
N SER C 31 -14.34 8.91 1.72
CA SER C 31 -13.98 7.90 2.69
C SER C 31 -14.15 6.49 2.16
N SER C 32 -14.68 6.33 0.96
CA SER C 32 -14.66 5.03 0.32
C SER C 32 -13.26 4.57 -0.02
N TYR C 33 -12.29 5.48 0.02
CA TYR C 33 -11.01 5.26 -0.62
C TYR C 33 -9.88 5.57 0.33
N LEU C 34 -10.06 5.21 1.59
CA LEU C 34 -9.03 5.34 2.60
C LEU C 34 -8.86 4.02 3.32
N ALA C 35 -7.63 3.58 3.51
CA ALA C 35 -7.34 2.36 4.23
C ALA C 35 -6.30 2.65 5.31
N TRP C 36 -6.10 1.67 6.19
CA TRP C 36 -5.10 1.76 7.24
C TRP C 36 -4.38 0.44 7.35
N TYR C 37 -3.06 0.51 7.54
CA TYR C 37 -2.20 -0.64 7.62
C TYR C 37 -1.48 -0.64 8.95
N GLN C 38 -1.06 -1.82 9.38
CA GLN C 38 -0.18 -1.99 10.52
C GLN C 38 1.10 -2.60 10.03
N GLN C 39 2.24 -2.05 10.49
CA GLN C 39 3.53 -2.63 10.18
C GLN C 39 4.37 -2.74 11.44
N LYS C 40 5.03 -3.88 11.55
CA LYS C 40 5.88 -4.35 12.62
C LYS C 40 7.29 -4.59 12.09
N PRO C 41 8.30 -4.31 12.91
CA PRO C 41 9.69 -4.47 12.47
C PRO C 41 9.99 -5.77 11.74
N GLY C 42 10.47 -5.64 10.51
CA GLY C 42 10.89 -6.76 9.73
C GLY C 42 9.82 -7.42 8.90
N GLN C 43 8.63 -6.83 8.81
CA GLN C 43 7.50 -7.49 8.18
C GLN C 43 6.84 -6.58 7.15
N ALA C 44 6.18 -7.22 6.17
CA ALA C 44 5.30 -6.50 5.26
C ALA C 44 4.23 -5.78 6.05
N PRO C 45 3.63 -4.75 5.46
CA PRO C 45 2.45 -4.15 6.09
C PRO C 45 1.27 -5.10 6.05
N ARG C 46 0.29 -4.85 6.91
CA ARG C 46 -0.91 -5.66 6.95
C ARG C 46 -2.15 -4.79 6.95
N LEU C 47 -3.09 -5.11 6.07
CA LEU C 47 -4.31 -4.33 5.95
C LEU C 47 -5.20 -4.54 7.17
N LEU C 48 -5.70 -3.43 7.73
CA LEU C 48 -6.60 -3.42 8.88
C LEU C 48 -7.99 -2.97 8.49
N ILE C 49 -8.09 -1.75 8.03
CA ILE C 49 -9.33 -1.07 7.71
C ILE C 49 -9.22 -0.67 6.26
N TYR C 50 -10.28 -0.82 5.51
CA TYR C 50 -10.42 -0.07 4.27
C TYR C 50 -11.82 0.52 4.27
N GLY C 51 -11.97 1.68 4.91
CA GLY C 51 -13.22 2.42 5.06
C GLY C 51 -13.92 2.52 3.75
N ALA C 52 -15.17 2.95 3.71
CA ALA C 52 -15.88 3.61 4.81
C ALA C 52 -16.34 2.73 5.98
N SER C 53 -16.45 1.42 5.74
CA SER C 53 -16.94 0.53 6.78
C SER C 53 -16.32 -0.87 6.73
N SER C 54 -15.61 -1.22 5.67
CA SER C 54 -15.02 -2.54 5.65
C SER C 54 -13.96 -2.68 6.73
N ARG C 55 -13.67 -3.93 7.07
CA ARG C 55 -12.57 -4.32 7.93
C ARG C 55 -11.99 -5.60 7.36
N ALA C 56 -10.68 -5.70 7.32
CA ALA C 56 -10.09 -6.82 6.63
C ALA C 56 -10.30 -8.11 7.40
N THR C 57 -10.43 -9.21 6.69
CA THR C 57 -10.71 -10.47 7.33
C THR C 57 -9.56 -10.90 8.23
N GLY C 58 -9.92 -11.42 9.41
CA GLY C 58 -8.96 -11.83 10.40
C GLY C 58 -8.37 -10.70 11.18
N ILE C 59 -8.97 -9.53 11.13
CA ILE C 59 -8.45 -8.33 11.78
C ILE C 59 -9.30 -8.06 13.01
N PRO C 60 -8.70 -7.78 14.16
CA PRO C 60 -9.48 -7.59 15.38
C PRO C 60 -10.50 -6.49 15.25
N ASP C 61 -11.71 -6.74 15.75
CA ASP C 61 -12.74 -5.72 15.66
C ASP C 61 -12.44 -4.51 16.54
N ARG C 62 -11.34 -4.50 17.31
CA ARG C 62 -11.00 -3.31 18.08
C ARG C 62 -10.33 -2.21 17.24
N PHE C 63 -10.11 -2.43 15.96
CA PHE C 63 -9.72 -1.36 15.05
C PHE C 63 -10.97 -0.91 14.31
N SER C 64 -11.27 0.38 14.36
CA SER C 64 -12.35 0.91 13.54
C SER C 64 -11.91 2.27 13.01
N GLY C 65 -12.38 2.63 11.82
CA GLY C 65 -12.04 3.89 11.19
C GLY C 65 -13.22 4.82 11.17
N SER C 66 -12.95 6.11 11.17
CA SER C 66 -13.99 7.12 11.04
C SER C 66 -13.43 8.30 10.27
N GLY C 67 -14.25 9.32 10.09
CA GLY C 67 -13.74 10.55 9.53
C GLY C 67 -14.11 10.69 8.07
N SER C 68 -14.05 11.92 7.61
CA SER C 68 -14.50 12.27 6.27
C SER C 68 -13.77 13.52 5.85
N GLY C 69 -13.92 13.87 4.58
CA GLY C 69 -13.40 15.11 4.05
C GLY C 69 -11.88 15.17 3.97
N THR C 70 -11.26 15.65 5.03
CA THR C 70 -9.83 15.87 5.14
C THR C 70 -9.20 15.15 6.32
N ASP C 71 -9.90 15.04 7.45
CA ASP C 71 -9.37 14.45 8.67
C ASP C 71 -9.99 13.08 8.89
N PHE C 72 -9.14 12.07 9.03
CA PHE C 72 -9.56 10.69 9.24
C PHE C 72 -8.93 10.16 10.52
N THR C 73 -9.54 9.10 11.08
CA THR C 73 -9.12 8.57 12.36
C THR C 73 -9.14 7.06 12.39
N LEU C 74 -8.07 6.46 12.90
CA LEU C 74 -8.05 5.06 13.27
C LEU C 74 -8.14 5.00 14.78
N THR C 75 -9.24 4.47 15.29
CA THR C 75 -9.43 4.22 16.71
C THR C 75 -9.06 2.79 17.02
N ILE C 76 -8.37 2.59 18.14
CA ILE C 76 -8.09 1.25 18.67
C ILE C 76 -8.71 1.17 20.07
N SER C 77 -9.79 0.39 20.19
CA SER C 77 -10.62 0.35 21.40
C SER C 77 -9.82 0.14 22.68
N ARG C 78 -9.09 -0.95 22.76
CA ARG C 78 -8.34 -1.30 23.96
C ARG C 78 -7.04 -1.94 23.50
N LEU C 79 -5.92 -1.31 23.81
CA LEU C 79 -4.65 -1.83 23.32
C LEU C 79 -4.32 -3.16 23.98
N GLU C 80 -3.89 -4.12 23.18
CA GLU C 80 -3.23 -5.32 23.63
C GLU C 80 -1.76 -5.23 23.30
N PRO C 81 -0.89 -5.97 24.00
CA PRO C 81 0.53 -5.74 23.81
C PRO C 81 1.00 -5.85 22.37
N GLU C 82 0.35 -6.67 21.55
CA GLU C 82 0.79 -6.88 20.18
C GLU C 82 0.34 -5.78 19.24
N ASP C 83 -0.47 -4.83 19.70
CA ASP C 83 -0.89 -3.74 18.86
C ASP C 83 0.14 -2.64 18.74
N PHE C 84 1.31 -2.80 19.35
CA PHE C 84 2.31 -1.74 19.34
C PHE C 84 3.18 -1.90 18.11
N ALA C 85 2.99 -0.99 17.17
CA ALA C 85 3.59 -1.10 15.86
C ALA C 85 3.48 0.25 15.19
N VAL C 86 3.86 0.30 13.93
CA VAL C 86 3.74 1.48 13.10
C VAL C 86 2.46 1.35 12.28
N TYR C 87 1.69 2.45 12.20
CA TYR C 87 0.43 2.51 11.48
C TYR C 87 0.50 3.50 10.33
N TYR C 88 -0.02 3.11 9.18
CA TYR C 88 0.01 3.91 7.95
C TYR C 88 -1.40 4.09 7.38
N CYS C 89 -1.79 5.31 7.04
CA CYS C 89 -2.96 5.47 6.20
C CYS C 89 -2.58 5.45 4.72
N GLN C 90 -3.59 5.35 3.88
CA GLN C 90 -3.43 5.25 2.44
C GLN C 90 -4.68 5.81 1.79
N GLN C 91 -4.53 6.63 0.77
CA GLN C 91 -5.67 7.02 -0.04
C GLN C 91 -5.52 6.35 -1.40
N TYR C 92 -6.64 5.94 -1.99
CA TYR C 92 -6.57 5.31 -3.29
C TYR C 92 -7.74 5.73 -4.16
N GLY C 93 -8.24 6.94 -3.93
CA GLY C 93 -9.19 7.55 -4.81
C GLY C 93 -8.57 8.43 -5.88
N SER C 94 -7.37 8.96 -5.62
CA SER C 94 -6.66 9.83 -6.54
C SER C 94 -5.35 9.20 -6.95
N SER C 95 -4.96 9.42 -8.21
CA SER C 95 -3.71 8.87 -8.72
C SER C 95 -2.58 9.88 -8.58
N PRO C 96 -1.41 9.40 -8.15
CA PRO C 96 -1.23 8.00 -7.78
C PRO C 96 -1.65 7.73 -6.34
N ILE C 97 -1.66 6.44 -5.97
CA ILE C 97 -1.91 6.04 -4.59
C ILE C 97 -0.83 6.62 -3.71
N THR C 98 -1.22 7.31 -2.63
CA THR C 98 -0.23 7.75 -1.65
C THR C 98 -0.53 7.15 -0.28
N PHE C 99 0.55 6.97 0.48
CA PHE C 99 0.56 6.54 1.86
C PHE C 99 0.97 7.71 2.75
N GLY C 100 0.91 7.48 4.05
CA GLY C 100 1.30 8.48 5.01
C GLY C 100 2.68 8.22 5.58
N GLN C 101 3.12 9.17 6.39
CA GLN C 101 4.46 9.12 6.98
C GLN C 101 4.59 7.98 7.98
N GLY C 102 3.58 7.82 8.81
CA GLY C 102 3.57 6.78 9.81
C GLY C 102 3.34 7.39 11.18
N THR C 103 2.53 6.72 11.99
CA THR C 103 2.49 6.94 13.43
C THR C 103 3.10 5.70 14.09
N ARG C 104 3.98 5.92 15.07
CA ARG C 104 4.57 4.86 15.85
C ARG C 104 3.88 4.77 17.19
N LEU C 105 3.47 3.55 17.55
CA LEU C 105 2.81 3.27 18.81
C LEU C 105 3.75 2.43 19.67
N GLU C 106 4.05 2.92 20.86
CA GLU C 106 4.99 2.29 21.76
C GLU C 106 4.44 2.37 23.17
N ILE C 107 4.94 1.50 24.04
CA ILE C 107 4.37 1.36 25.38
C ILE C 107 4.88 2.47 26.27
N LYS C 108 3.98 3.07 27.05
CA LYS C 108 4.34 4.13 27.99
C LYS C 108 4.71 3.52 29.33
N ARG C 109 5.99 3.18 29.48
CA ARG C 109 6.58 2.74 30.75
C ARG C 109 6.80 3.94 31.67
N THR C 110 7.16 3.66 32.91
CA THR C 110 7.55 4.74 33.80
C THR C 110 8.93 5.25 33.38
N VAL C 111 9.40 6.29 34.02
CA VAL C 111 10.67 6.87 33.57
C VAL C 111 11.83 5.99 34.01
N ALA C 112 12.85 5.90 33.18
CA ALA C 112 14.02 5.08 33.51
C ALA C 112 15.26 5.68 32.87
N ALA C 113 16.28 5.97 33.70
CA ALA C 113 17.55 6.55 33.27
C ALA C 113 18.50 5.47 32.75
N PRO C 114 19.37 5.83 31.81
CA PRO C 114 20.23 4.83 31.17
C PRO C 114 21.56 4.56 31.89
N SER C 115 22.14 3.41 31.56
CA SER C 115 23.50 3.10 31.93
C SER C 115 24.41 3.60 30.84
N VAL C 116 25.52 4.24 31.21
CA VAL C 116 26.40 4.86 30.23
C VAL C 116 27.76 4.18 30.30
N PHE C 117 28.22 3.64 29.17
CA PHE C 117 29.45 2.90 29.10
C PHE C 117 30.22 3.31 27.85
N ILE C 118 31.55 3.35 27.93
CA ILE C 118 32.38 3.70 26.78
C ILE C 118 33.39 2.59 26.54
N PHE C 119 33.62 2.28 25.27
CA PHE C 119 34.54 1.24 24.84
C PHE C 119 35.62 1.85 23.97
N PRO C 120 36.78 2.14 24.53
CA PRO C 120 37.93 2.56 23.72
C PRO C 120 38.19 1.58 22.60
N PRO C 121 38.94 1.97 21.58
CA PRO C 121 39.21 1.05 20.46
C PRO C 121 39.96 -0.18 20.94
N SER C 122 40.04 -1.17 20.04
CA SER C 122 40.82 -2.37 20.26
C SER C 122 42.17 -2.20 19.61
N ASP C 123 43.23 -2.54 20.34
CA ASP C 123 44.55 -2.63 19.72
C ASP C 123 44.52 -3.56 18.51
N GLU C 124 43.55 -4.46 18.45
CA GLU C 124 43.26 -5.18 17.21
C GLU C 124 43.03 -4.22 16.07
N GLN C 125 42.18 -3.22 16.30
CA GLN C 125 41.73 -2.31 15.25
C GLN C 125 42.79 -1.29 14.89
N LEU C 126 43.63 -0.92 15.85
CA LEU C 126 44.64 0.11 15.61
C LEU C 126 45.61 -0.34 14.53
N LYS C 127 46.11 -1.58 14.62
CA LYS C 127 47.06 -2.07 13.61
C LYS C 127 46.47 -2.11 12.21
N SER C 128 45.17 -1.91 12.06
CA SER C 128 44.54 -1.85 10.75
C SER C 128 44.38 -0.42 10.24
N GLY C 129 44.49 0.58 11.12
CA GLY C 129 44.51 1.97 10.70
C GLY C 129 43.34 2.81 11.16
N THR C 130 42.33 2.25 11.82
CA THR C 130 41.13 2.98 12.19
C THR C 130 40.95 2.93 13.71
N ALA C 131 40.09 3.79 14.23
CA ALA C 131 39.65 3.75 15.62
C ALA C 131 38.13 3.73 15.68
N SER C 132 37.58 3.31 16.81
CA SER C 132 36.12 3.29 17.02
C SER C 132 35.85 3.40 18.50
N VAL C 133 35.22 4.48 18.92
CA VAL C 133 35.00 4.76 20.33
C VAL C 133 33.51 4.68 20.63
N VAL C 134 33.00 3.49 20.91
CA VAL C 134 31.56 3.30 21.06
C VAL C 134 31.14 3.61 22.49
N CYS C 135 30.15 4.47 22.60
CA CYS C 135 29.46 4.76 23.84
C CYS C 135 28.21 3.90 23.89
N LEU C 136 27.54 3.88 25.04
CA LEU C 136 26.41 2.97 25.18
C LEU C 136 25.49 3.47 26.26
N LEU C 137 24.26 3.79 25.89
CA LEU C 137 23.19 4.01 26.85
C LEU C 137 22.35 2.75 26.87
N ASN C 138 21.92 2.32 28.04
CA ASN C 138 21.30 1.01 28.08
C ASN C 138 20.05 0.99 28.94
N ASN C 139 19.04 0.29 28.42
CA ASN C 139 17.76 0.08 29.08
C ASN C 139 17.25 1.34 29.74
N PHE C 140 16.99 2.34 28.91
CA PHE C 140 16.36 3.58 29.31
C PHE C 140 14.98 3.69 28.69
N TYR C 141 14.16 4.53 29.31
CA TYR C 141 12.92 4.97 28.72
C TYR C 141 12.64 6.33 29.31
N PRO C 142 12.16 7.29 28.50
CA PRO C 142 11.80 7.25 27.08
C PRO C 142 12.96 7.24 26.11
N ARG C 143 12.63 7.38 24.83
CA ARG C 143 13.58 7.21 23.74
C ARG C 143 14.40 8.45 23.44
N GLU C 144 13.91 9.63 23.82
CA GLU C 144 14.54 10.89 23.44
C GLU C 144 15.84 11.04 24.22
N ALA C 145 16.97 11.04 23.53
CA ALA C 145 18.28 11.16 24.17
C ALA C 145 19.25 11.89 23.26
N LYS C 146 19.85 12.96 23.78
CA LYS C 146 20.98 13.60 23.13
C LYS C 146 22.25 13.13 23.81
N VAL C 147 23.16 12.57 23.04
CA VAL C 147 24.49 12.18 23.51
C VAL C 147 25.51 13.00 22.71
N GLN C 148 26.29 13.80 23.43
CA GLN C 148 27.36 14.62 22.87
C GLN C 148 28.73 14.07 23.26
N TRP C 149 29.67 14.15 22.35
CA TRP C 149 31.03 13.62 22.51
C TRP C 149 32.04 14.76 22.55
N LYS C 150 32.82 14.84 23.62
CA LYS C 150 33.75 15.95 23.84
C LYS C 150 35.17 15.42 24.05
N VAL C 151 36.10 15.89 23.22
CA VAL C 151 37.54 15.62 23.38
C VAL C 151 38.37 16.79 22.80
N ASP C 152 39.28 17.40 23.56
CA ASP C 152 39.40 17.27 25.02
C ASP C 152 38.21 17.96 25.65
N LEU C 155 33.62 19.86 20.85
CA LEU C 155 32.35 19.19 21.06
C LEU C 155 32.08 18.11 20.00
N GLN C 156 32.98 17.94 19.03
CA GLN C 156 32.97 16.89 18.02
C GLN C 156 31.65 16.73 17.28
N SER C 157 31.64 17.05 16.00
CA SER C 157 30.43 16.88 15.21
C SER C 157 30.85 16.43 13.81
N GLY C 158 30.14 15.45 13.28
CA GLY C 158 30.30 15.03 11.90
C GLY C 158 30.95 13.69 11.68
N ASN C 159 31.33 12.97 12.74
CA ASN C 159 31.99 11.67 12.62
C ASN C 159 31.30 10.54 13.39
N SER C 160 30.56 10.85 14.46
CA SER C 160 29.79 9.84 15.20
C SER C 160 28.56 9.39 14.40
N GLN C 161 27.65 8.71 15.09
CA GLN C 161 26.49 8.05 14.53
C GLN C 161 25.76 7.39 15.69
N GLU C 162 24.50 7.03 15.47
CA GLU C 162 23.66 6.48 16.53
C GLU C 162 22.89 5.28 16.02
N SER C 163 22.48 4.45 16.97
CA SER C 163 21.68 3.26 16.70
C SER C 163 20.78 3.07 17.90
N VAL C 164 19.61 2.52 17.66
CA VAL C 164 18.63 2.30 18.72
C VAL C 164 17.98 0.94 18.46
N THR C 165 17.56 0.29 19.54
CA THR C 165 16.85 -0.97 19.42
C THR C 165 15.36 -0.71 19.38
N GLU C 166 14.62 -1.68 18.86
CA GLU C 166 13.19 -1.68 19.08
C GLU C 166 12.95 -1.73 20.57
N GLN C 167 11.84 -1.14 21.02
CA GLN C 167 11.41 -1.32 22.41
C GLN C 167 11.50 -2.80 22.79
N ASP C 168 12.02 -3.06 23.97
CA ASP C 168 12.27 -4.42 24.42
C ASP C 168 10.97 -5.09 24.83
N SER C 169 10.90 -6.41 24.64
CA SER C 169 9.61 -7.08 24.85
C SER C 169 9.23 -7.16 26.32
N LYS C 170 10.20 -7.37 27.21
CA LYS C 170 9.87 -7.56 28.62
C LYS C 170 9.73 -6.25 29.39
N ASP C 171 10.81 -5.47 29.48
CA ASP C 171 10.81 -4.24 30.27
C ASP C 171 10.50 -2.99 29.46
N SER C 172 10.26 -3.14 28.15
CA SER C 172 9.90 -2.03 27.27
C SER C 172 10.86 -0.84 27.41
N THR C 173 12.16 -1.14 27.38
CA THR C 173 13.19 -0.12 27.41
C THR C 173 13.93 -0.08 26.09
N TYR C 174 14.60 1.04 25.84
CA TYR C 174 15.41 1.24 24.64
C TYR C 174 16.89 1.17 24.99
N SER C 175 17.73 1.01 23.97
CA SER C 175 19.17 1.02 24.17
C SER C 175 19.85 1.55 22.91
N LEU C 176 20.97 2.27 23.11
CA LEU C 176 21.57 3.14 22.08
C LEU C 176 23.08 2.98 22.03
N SER C 177 23.65 2.95 20.81
CA SER C 177 25.08 2.84 20.57
C SER C 177 25.55 3.97 19.66
N SER C 178 26.53 4.75 20.12
CA SER C 178 27.18 5.80 19.35
C SER C 178 28.58 5.35 18.97
N THR C 179 29.00 5.57 17.72
CA THR C 179 30.30 5.11 17.24
C THR C 179 31.08 6.28 16.63
N LEU C 180 32.24 6.57 17.21
CA LEU C 180 33.15 7.58 16.69
C LEU C 180 34.15 6.91 15.77
N THR C 181 34.37 7.47 14.59
CA THR C 181 35.27 6.86 13.62
C THR C 181 36.38 7.84 13.27
N LEU C 182 37.58 7.59 13.82
CA LEU C 182 38.83 8.24 13.44
C LEU C 182 39.69 7.26 12.66
N SER C 183 40.82 7.75 12.14
CA SER C 183 41.86 6.86 11.64
C SER C 183 42.94 6.71 12.70
N LYS C 184 43.85 5.76 12.45
CA LYS C 184 44.96 5.51 13.37
C LYS C 184 45.69 6.79 13.73
N ALA C 185 46.06 7.58 12.72
CA ALA C 185 46.81 8.81 12.92
C ALA C 185 46.12 9.78 13.87
N ASP C 186 44.99 10.34 13.43
CA ASP C 186 44.33 11.39 14.19
C ASP C 186 43.94 10.93 15.59
N TYR C 187 43.54 9.66 15.73
CA TYR C 187 43.24 9.12 17.06
C TYR C 187 44.41 9.30 18.00
N GLU C 188 45.64 9.14 17.49
CA GLU C 188 46.84 9.20 18.31
C GLU C 188 47.39 10.60 18.46
N LYS C 189 46.55 11.63 18.34
CA LYS C 189 46.94 13.00 18.63
C LYS C 189 46.32 13.52 19.91
N HIS C 190 45.64 12.68 20.68
CA HIS C 190 44.81 13.21 21.74
C HIS C 190 44.50 12.13 22.77
N LYS C 191 44.11 12.57 23.96
CA LYS C 191 43.76 11.68 25.06
C LYS C 191 42.49 12.14 25.79
N TYR C 193 38.77 11.73 26.49
CA TYR C 193 37.62 11.15 25.80
C TYR C 193 36.44 10.99 26.73
N ALA C 194 35.38 11.74 26.48
CA ALA C 194 34.19 11.69 27.29
C ALA C 194 32.97 11.58 26.39
N CYS C 195 31.88 11.11 26.98
CA CYS C 195 30.61 10.88 26.30
C CYS C 195 29.55 11.50 27.19
N GLU C 196 28.99 12.62 26.77
CA GLU C 196 28.04 13.37 27.59
C GLU C 196 26.62 13.05 27.15
N VAL C 197 25.77 12.72 28.12
CA VAL C 197 24.44 12.18 27.88
C VAL C 197 23.45 13.03 28.64
N THR C 198 22.36 13.39 27.96
CA THR C 198 21.26 14.13 28.58
C THR C 198 19.97 13.32 28.43
N HIS C 199 19.10 13.39 29.44
CA HIS C 199 17.92 12.54 29.48
C HIS C 199 16.98 13.00 30.59
N GLN C 200 15.70 12.66 30.44
CA GLN C 200 14.67 13.00 31.42
C GLN C 200 14.82 12.24 32.73
N GLY C 201 15.73 11.26 32.79
CA GLY C 201 16.03 10.57 34.02
C GLY C 201 17.28 11.07 34.73
N LEU C 202 17.82 12.21 34.31
CA LEU C 202 19.08 12.74 34.83
C LEU C 202 18.88 14.23 35.05
N SER C 203 18.74 14.64 36.33
CA SER C 203 18.59 16.05 36.64
C SER C 203 19.76 16.86 36.12
N SER C 204 20.96 16.29 36.13
CA SER C 204 22.15 16.92 35.64
C SER C 204 22.73 16.07 34.52
N PRO C 205 22.99 16.63 33.35
CA PRO C 205 23.61 15.86 32.27
C PRO C 205 24.86 15.14 32.75
N VAL C 206 24.93 13.85 32.43
CA VAL C 206 25.92 12.94 33.00
C VAL C 206 27.02 12.72 31.98
N THR C 207 28.27 12.63 32.46
CA THR C 207 29.44 12.42 31.63
C THR C 207 30.12 11.11 32.01
N LYS C 208 31.00 10.62 31.12
CA LYS C 208 31.62 9.32 31.29
C LYS C 208 33.00 9.32 30.65
N SER C 209 34.05 9.32 31.47
CA SER C 209 35.41 9.66 31.02
C SER C 209 36.31 8.44 30.86
N PHE C 210 37.18 8.50 29.84
CA PHE C 210 38.29 7.55 29.69
C PHE C 210 39.44 8.24 28.95
N ASN C 211 40.66 8.07 29.47
CA ASN C 211 41.87 8.61 28.84
C ASN C 211 42.69 7.48 28.24
N ARG C 212 43.34 7.77 27.12
CA ARG C 212 44.08 6.74 26.39
C ARG C 212 45.15 6.07 27.26
C1 NAG D . -37.36 23.61 -24.62
C2 NAG D . -38.36 23.55 -25.76
C3 NAG D . -37.86 22.61 -26.85
C4 NAG D . -36.46 23.00 -27.31
C5 NAG D . -35.52 23.22 -26.14
C6 NAG D . -34.22 23.87 -26.56
C7 NAG D . -40.74 23.97 -25.36
C8 NAG D . -42.02 23.42 -24.83
N2 NAG D . -39.68 23.16 -25.29
O3 NAG D . -38.76 22.66 -27.95
O4 NAG D . -35.86 21.92 -28.03
O5 NAG D . -36.10 24.06 -25.13
O6 NAG D . -33.97 25.07 -25.86
O7 NAG D . -40.67 25.10 -25.83
C1 MAN D . -36.06 21.80 -29.46
C2 MAN D . -34.67 21.41 -30.02
C3 MAN D . -34.44 22.21 -31.31
C4 MAN D . -35.67 22.12 -32.21
C5 MAN D . -36.85 22.80 -31.54
C6 MAN D . -38.13 22.01 -31.69
O2 MAN D . -34.67 20.05 -30.34
O3 MAN D . -33.25 21.96 -32.09
O4 MAN D . -35.39 22.78 -33.41
O5 MAN D . -36.56 22.96 -30.11
O6 MAN D . -39.25 22.90 -31.60
C1 MAN D . -32.20 21.12 -31.63
C2 MAN D . -30.79 21.88 -31.41
C3 MAN D . -29.59 20.89 -31.41
C4 MAN D . -29.94 19.62 -32.19
C5 MAN D . -30.85 20.11 -33.25
C6 MAN D . -30.91 19.33 -34.49
O2 MAN D . -30.64 22.68 -30.20
O3 MAN D . -29.18 20.58 -30.12
O4 MAN D . -28.82 19.01 -32.73
O5 MAN D . -32.11 20.13 -32.59
O6 MAN D . -31.17 20.32 -35.52
C1 EDO E . -3.17 -8.78 5.57
O1 EDO E . -2.79 -7.49 5.08
C2 EDO E . -4.63 -8.92 6.03
O2 EDO E . -5.06 -7.82 6.84
#